data_2D1Z
#
_entry.id   2D1Z
#
_cell.length_a   78.508
_cell.length_b   94.063
_cell.length_c   139.657
_cell.angle_alpha   90.00
_cell.angle_beta   90.00
_cell.angle_gamma   90.00
#
_symmetry.space_group_name_H-M   'P 21 21 21'
#
loop_
_entity.id
_entity.type
_entity.pdbx_description
1 polymer ENDO-1,4-BETA-D-XYLANASE
2 non-polymer 'SULFATE ION'
3 non-polymer GLYCEROL
4 water water
#
_entity_poly.entity_id   1
_entity_poly.type   'polypeptide(L)'
_entity_poly.pdbx_seq_one_letter_code
;AESTLGAAAAQSGRYFGTAIASGKLGDSAYTTIASREFNMVTAENEMKIDATEPQRGQFNFSAGDRVYNWAVQNGKQVRG
HTLAWHSQQPGWMQSLSGSTLRQAMIDHINGVMGHYKGKIAQWDVVSHAFSDDGSGGRRDSNLQRTGNDWIEVAFRTARA
ADPAAKLCYNDYNIENWTWAKTQGVYNMVRDFKQRGVPIDCVGFQSHFNSGSPYNSNFRTTLQNFAALGVDVAITELDIQ
GASSSTYAAVTNDCLAVSRCLGITVWGVRDTDSWRSGDTPLLFNGDGSKKAAYTAVLNALNGGSSTPPPSGGGQIKGVGS
GRCLDVPNASTTDGTQVQLYDCHSATNQQWTYTDAGELRVYGDKCLDAAGTGNGTKVQIYSCWGGDNQKWRLNSDGSIVG
VQSGLCLDAVGGGTANGTLIQLYSCSNGSNQRWTRT
;
_entity_poly.pdbx_strand_id   A,B
#
loop_
_chem_comp.id
_chem_comp.type
_chem_comp.name
_chem_comp.formula
GOL non-polymer GLYCEROL 'C3 H8 O3'
SO4 non-polymer 'SULFATE ION' 'O4 S -2'
#
# COMPACT_ATOMS: atom_id res chain seq x y z
N ALA A 1 -9.62 -14.74 -29.68
CA ALA A 1 -8.51 -14.12 -28.90
C ALA A 1 -8.77 -14.31 -27.41
N GLU A 2 -7.70 -14.35 -26.62
CA GLU A 2 -7.86 -14.52 -25.20
C GLU A 2 -6.72 -14.00 -24.32
N SER A 3 -5.94 -13.06 -24.86
CA SER A 3 -4.84 -12.49 -24.08
C SER A 3 -5.21 -11.17 -23.41
N THR A 4 -6.38 -10.63 -23.77
CA THR A 4 -6.85 -9.37 -23.19
C THR A 4 -8.26 -9.57 -22.63
N LEU A 5 -8.67 -8.71 -21.70
CA LEU A 5 -9.97 -8.82 -21.07
C LEU A 5 -11.16 -8.75 -22.02
N GLY A 6 -11.17 -7.70 -22.84
CA GLY A 6 -12.28 -7.53 -23.78
C GLY A 6 -12.45 -8.71 -24.70
N ALA A 7 -11.34 -9.15 -25.30
CA ALA A 7 -11.36 -10.27 -26.22
C ALA A 7 -11.79 -11.55 -25.51
N ALA A 8 -11.35 -11.73 -24.28
CA ALA A 8 -11.70 -12.94 -23.53
C ALA A 8 -13.21 -12.95 -23.26
N ALA A 9 -13.75 -11.79 -22.91
CA ALA A 9 -15.18 -11.67 -22.64
C ALA A 9 -15.97 -11.91 -23.93
N ALA A 10 -15.44 -11.43 -25.04
CA ALA A 10 -16.11 -11.55 -26.33
C ALA A 10 -16.33 -13.01 -26.74
N GLN A 11 -15.52 -13.91 -26.19
CA GLN A 11 -15.66 -15.32 -26.52
C GLN A 11 -17.03 -15.85 -26.12
N SER A 12 -17.66 -15.19 -25.15
CA SER A 12 -18.99 -15.62 -24.72
C SER A 12 -20.05 -14.58 -25.06
N GLY A 13 -19.71 -13.69 -26.00
CA GLY A 13 -20.63 -12.66 -26.43
C GLY A 13 -20.78 -11.51 -25.46
N ARG A 14 -19.85 -11.42 -24.51
CA ARG A 14 -19.90 -10.35 -23.52
C ARG A 14 -18.80 -9.33 -23.76
N TYR A 15 -18.86 -8.23 -23.01
CA TYR A 15 -17.86 -7.19 -23.12
C TYR A 15 -17.16 -7.02 -21.79
N PHE A 16 -16.01 -6.37 -21.82
CA PHE A 16 -15.32 -6.03 -20.59
C PHE A 16 -14.93 -4.58 -20.83
N GLY A 17 -15.53 -3.69 -20.06
CA GLY A 17 -15.26 -2.28 -20.25
C GLY A 17 -14.63 -1.55 -19.09
N THR A 18 -14.47 -0.25 -19.30
CA THR A 18 -13.89 0.59 -18.28
C THR A 18 -14.50 1.98 -18.37
N ALA A 19 -14.20 2.81 -17.38
CA ALA A 19 -14.66 4.19 -17.35
C ALA A 19 -13.50 5.00 -17.94
N ILE A 20 -13.82 5.87 -18.89
CA ILE A 20 -12.79 6.68 -19.54
C ILE A 20 -12.95 8.15 -19.14
N ALA A 21 -11.84 8.78 -18.78
CA ALA A 21 -11.85 10.20 -18.41
C ALA A 21 -11.17 10.95 -19.56
N SER A 22 -11.87 11.92 -20.14
CA SER A 22 -11.33 12.69 -21.26
C SER A 22 -10.00 13.36 -20.95
N GLY A 23 -9.82 13.78 -19.70
CA GLY A 23 -8.59 14.44 -19.31
C GLY A 23 -7.37 13.54 -19.28
N LYS A 24 -7.58 12.25 -19.48
CA LYS A 24 -6.47 11.30 -19.47
C LYS A 24 -6.17 10.74 -20.85
N LEU A 25 -6.96 11.15 -21.85
CA LEU A 25 -6.78 10.66 -23.20
C LEU A 25 -5.48 11.12 -23.86
N GLY A 26 -4.79 12.06 -23.23
CA GLY A 26 -3.52 12.54 -23.76
C GLY A 26 -2.36 11.82 -23.09
N ASP A 27 -2.69 10.89 -22.20
CA ASP A 27 -1.71 10.10 -21.45
C ASP A 27 -1.51 8.79 -22.21
N SER A 28 -0.37 8.66 -22.90
CA SER A 28 -0.07 7.47 -23.69
C SER A 28 -0.12 6.16 -22.89
N ALA A 29 0.37 6.17 -21.66
CA ALA A 29 0.37 4.96 -20.85
C ALA A 29 -1.08 4.54 -20.56
N TYR A 30 -1.92 5.53 -20.30
CA TYR A 30 -3.33 5.30 -20.02
C TYR A 30 -4.06 4.72 -21.24
N THR A 31 -3.95 5.40 -22.38
CA THR A 31 -4.64 4.93 -23.58
C THR A 31 -4.10 3.61 -24.12
N THR A 32 -2.82 3.34 -23.89
CA THR A 32 -2.25 2.09 -24.37
C THR A 32 -2.96 0.92 -23.67
N ILE A 33 -3.15 1.04 -22.36
CA ILE A 33 -3.82 0.00 -21.59
C ILE A 33 -5.31 -0.03 -21.92
N ALA A 34 -5.95 1.13 -21.87
CA ALA A 34 -7.38 1.21 -22.13
C ALA A 34 -7.81 0.70 -23.50
N SER A 35 -7.06 1.06 -24.55
CA SER A 35 -7.43 0.62 -25.88
C SER A 35 -7.22 -0.88 -26.06
N ARG A 36 -6.17 -1.40 -25.43
CA ARG A 36 -5.83 -2.82 -25.54
C ARG A 36 -6.76 -3.78 -24.79
N GLU A 37 -7.12 -3.41 -23.57
CA GLU A 37 -7.90 -4.29 -22.71
C GLU A 37 -9.42 -4.23 -22.70
N PHE A 38 -10.00 -3.14 -23.16
CA PHE A 38 -11.46 -3.00 -23.08
C PHE A 38 -12.18 -2.82 -24.40
N ASN A 39 -13.37 -3.41 -24.52
CA ASN A 39 -14.16 -3.23 -25.74
C ASN A 39 -15.50 -2.55 -25.45
N MET A 40 -15.56 -1.88 -24.30
CA MET A 40 -16.73 -1.13 -23.88
C MET A 40 -16.25 0.06 -23.06
N VAL A 41 -16.86 1.21 -23.30
CA VAL A 41 -16.49 2.45 -22.63
C VAL A 41 -17.66 3.20 -22.05
N THR A 42 -17.47 3.77 -20.87
CA THR A 42 -18.47 4.60 -20.20
C THR A 42 -17.72 5.90 -19.91
N ALA A 43 -18.30 7.04 -20.26
CA ALA A 43 -17.64 8.31 -19.95
C ALA A 43 -17.79 8.47 -18.45
N GLU A 44 -16.68 8.66 -17.73
CA GLU A 44 -16.76 8.77 -16.28
C GLU A 44 -17.61 9.95 -15.82
N ASN A 45 -17.54 11.07 -16.53
CA ASN A 45 -18.31 12.26 -16.15
C ASN A 45 -18.81 13.09 -17.33
N GLU A 46 -18.22 12.89 -18.49
CA GLU A 46 -18.54 13.68 -19.67
C GLU A 46 -19.94 13.64 -20.27
N MET A 47 -20.76 12.69 -19.84
CA MET A 47 -22.12 12.61 -20.36
C MET A 47 -23.18 12.85 -19.29
N LYS A 48 -22.73 13.31 -18.13
CA LYS A 48 -23.67 13.59 -17.04
C LYS A 48 -24.40 14.88 -17.37
N ILE A 49 -25.39 15.23 -16.54
CA ILE A 49 -26.20 16.42 -16.78
C ILE A 49 -25.46 17.74 -16.81
N ASP A 50 -24.63 18.02 -15.80
CA ASP A 50 -23.88 19.26 -15.74
C ASP A 50 -22.90 19.39 -16.90
N ALA A 51 -22.37 18.26 -17.38
CA ALA A 51 -21.43 18.27 -18.47
C ALA A 51 -22.10 18.45 -19.85
N THR A 52 -23.32 17.96 -19.98
CA THR A 52 -24.03 18.05 -21.25
C THR A 52 -25.01 19.22 -21.38
N GLU A 53 -25.47 19.74 -20.24
CA GLU A 53 -26.39 20.88 -20.25
C GLU A 53 -25.97 21.83 -19.13
N PRO A 54 -24.79 22.45 -19.27
CA PRO A 54 -24.23 23.40 -18.29
C PRO A 54 -25.18 24.55 -17.95
N GLN A 55 -25.90 25.02 -18.95
CA GLN A 55 -26.88 26.08 -18.77
C GLN A 55 -28.21 25.53 -19.27
N ARG A 56 -29.30 25.87 -18.59
CA ARG A 56 -30.61 25.38 -18.97
C ARG A 56 -30.88 25.63 -20.46
N GLY A 57 -31.05 24.55 -21.21
CA GLY A 57 -31.31 24.66 -22.64
C GLY A 57 -30.07 24.80 -23.49
N GLN A 58 -28.91 24.90 -22.84
CA GLN A 58 -27.64 25.04 -23.56
C GLN A 58 -26.83 23.75 -23.47
N PHE A 59 -26.95 22.91 -24.49
CA PHE A 59 -26.24 21.64 -24.52
C PHE A 59 -24.81 21.75 -25.06
N ASN A 60 -23.90 21.01 -24.44
CA ASN A 60 -22.50 21.00 -24.85
C ASN A 60 -22.01 19.55 -24.85
N PHE A 61 -21.57 19.07 -26.00
CA PHE A 61 -21.11 17.69 -26.13
C PHE A 61 -19.64 17.57 -26.49
N SER A 62 -18.86 18.62 -26.25
CA SER A 62 -17.45 18.59 -26.57
C SER A 62 -16.71 17.46 -25.85
N ALA A 63 -16.88 17.40 -24.54
CA ALA A 63 -16.22 16.37 -23.74
C ALA A 63 -16.82 14.99 -24.02
N GLY A 64 -18.15 14.93 -24.03
CA GLY A 64 -18.83 13.67 -24.28
C GLY A 64 -18.45 13.06 -25.62
N ASP A 65 -18.41 13.88 -26.67
CA ASP A 65 -18.06 13.39 -27.99
C ASP A 65 -16.60 12.96 -28.07
N ARG A 66 -15.74 13.60 -27.29
CA ARG A 66 -14.33 13.23 -27.31
C ARG A 66 -14.20 11.80 -26.79
N VAL A 67 -14.95 11.48 -25.74
CA VAL A 67 -14.92 10.13 -25.18
C VAL A 67 -15.62 9.16 -26.11
N TYR A 68 -16.77 9.55 -26.64
CA TYR A 68 -17.51 8.69 -27.56
C TYR A 68 -16.66 8.37 -28.79
N ASN A 69 -16.08 9.39 -29.40
CA ASN A 69 -15.26 9.19 -30.58
C ASN A 69 -14.05 8.30 -30.30
N TRP A 70 -13.39 8.51 -29.18
CA TRP A 70 -12.23 7.70 -28.84
C TRP A 70 -12.68 6.24 -28.74
N ALA A 71 -13.83 6.02 -28.12
CA ALA A 71 -14.34 4.67 -27.95
C ALA A 71 -14.60 3.98 -29.28
N VAL A 72 -15.44 4.56 -30.11
CA VAL A 72 -15.76 3.94 -31.40
C VAL A 72 -14.55 3.80 -32.32
N GLN A 73 -13.69 4.82 -32.35
CA GLN A 73 -12.51 4.76 -33.21
C GLN A 73 -11.53 3.67 -32.77
N ASN A 74 -11.61 3.29 -31.49
CA ASN A 74 -10.73 2.25 -30.98
C ASN A 74 -11.43 0.91 -30.81
N GLY A 75 -12.60 0.78 -31.42
CA GLY A 75 -13.34 -0.47 -31.38
C GLY A 75 -14.13 -0.81 -30.14
N LYS A 76 -14.63 0.19 -29.42
CA LYS A 76 -15.41 -0.08 -28.22
C LYS A 76 -16.83 0.44 -28.32
N GLN A 77 -17.77 -0.29 -27.71
CA GLN A 77 -19.15 0.15 -27.67
C GLN A 77 -19.18 1.18 -26.55
N VAL A 78 -20.32 1.85 -26.39
CA VAL A 78 -20.45 2.86 -25.35
C VAL A 78 -21.72 2.74 -24.51
N ARG A 79 -21.58 3.01 -23.22
CA ARG A 79 -22.70 3.01 -22.29
C ARG A 79 -22.87 4.49 -21.95
N GLY A 80 -24.06 5.03 -22.21
CA GLY A 80 -24.34 6.43 -21.89
C GLY A 80 -24.53 6.55 -20.39
N HIS A 81 -23.97 7.60 -19.79
CA HIS A 81 -24.00 7.77 -18.34
C HIS A 81 -23.97 9.28 -18.01
N THR A 82 -24.99 9.88 -17.40
CA THR A 82 -26.26 9.29 -16.96
C THR A 82 -27.30 10.38 -17.30
N LEU A 83 -28.49 9.98 -17.73
CA LEU A 83 -29.52 10.95 -18.13
C LEU A 83 -30.31 11.68 -17.04
N ALA A 84 -30.67 11.00 -15.96
CA ALA A 84 -31.45 11.65 -14.91
C ALA A 84 -31.21 11.10 -13.51
N TRP A 85 -30.63 11.92 -12.64
CA TRP A 85 -30.36 11.53 -11.26
C TRP A 85 -30.15 12.77 -10.39
N HIS A 86 -30.20 12.58 -9.07
CA HIS A 86 -30.07 13.67 -8.10
C HIS A 86 -28.70 14.32 -7.95
N SER A 87 -27.64 13.54 -8.11
CA SER A 87 -26.29 14.06 -7.94
C SER A 87 -25.65 14.77 -9.13
N GLN A 88 -24.68 15.62 -8.82
CA GLN A 88 -23.95 16.38 -9.82
C GLN A 88 -24.84 17.15 -10.78
N GLN A 89 -26.01 17.58 -10.30
CA GLN A 89 -26.91 18.34 -11.15
C GLN A 89 -26.34 19.75 -11.27
N PRO A 90 -26.49 20.37 -12.44
CA PRO A 90 -25.97 21.73 -12.58
C PRO A 90 -26.72 22.64 -11.63
N GLY A 91 -26.08 23.74 -11.22
CA GLY A 91 -26.71 24.67 -10.30
C GLY A 91 -28.16 25.00 -10.61
N TRP A 92 -28.44 25.32 -11.87
CA TRP A 92 -29.80 25.68 -12.27
C TRP A 92 -30.84 24.61 -12.00
N MET A 93 -30.45 23.35 -12.15
CA MET A 93 -31.39 22.25 -11.93
C MET A 93 -31.61 21.97 -10.44
N GLN A 94 -30.57 22.22 -9.64
CA GLN A 94 -30.66 21.98 -8.20
C GLN A 94 -31.72 22.84 -7.53
N SER A 95 -31.96 24.02 -8.07
CA SER A 95 -32.93 24.94 -7.50
C SER A 95 -34.35 24.74 -8.03
N LEU A 96 -34.51 23.87 -9.03
CA LEU A 96 -35.82 23.63 -9.60
C LEU A 96 -36.59 22.57 -8.83
N SER A 97 -37.90 22.52 -9.06
CA SER A 97 -38.77 21.55 -8.39
C SER A 97 -40.12 21.46 -9.10
N GLY A 98 -40.97 20.55 -8.62
CA GLY A 98 -42.29 20.38 -9.20
C GLY A 98 -42.34 20.15 -10.70
N SER A 99 -43.38 20.66 -11.33
CA SER A 99 -43.60 20.50 -12.77
C SER A 99 -42.49 21.08 -13.65
N THR A 100 -41.86 22.16 -13.21
CA THR A 100 -40.79 22.75 -14.01
C THR A 100 -39.57 21.82 -14.02
N LEU A 101 -39.29 21.20 -12.89
CA LEU A 101 -38.16 20.28 -12.80
C LEU A 101 -38.46 19.03 -13.62
N ARG A 102 -39.71 18.59 -13.60
CA ARG A 102 -40.12 17.41 -14.35
C ARG A 102 -39.92 17.63 -15.84
N GLN A 103 -40.28 18.82 -16.32
CA GLN A 103 -40.14 19.14 -17.74
C GLN A 103 -38.66 19.31 -18.09
N ALA A 104 -37.88 19.83 -17.14
CA ALA A 104 -36.45 20.03 -17.36
C ALA A 104 -35.79 18.67 -17.53
N MET A 105 -36.22 17.70 -16.74
CA MET A 105 -35.68 16.36 -16.81
C MET A 105 -35.95 15.77 -18.18
N ILE A 106 -37.18 15.94 -18.66
CA ILE A 106 -37.58 15.43 -19.96
C ILE A 106 -36.82 16.09 -21.10
N ASP A 107 -36.68 17.42 -21.04
CA ASP A 107 -35.95 18.14 -22.08
C ASP A 107 -34.50 17.68 -22.15
N HIS A 108 -33.91 17.41 -20.99
CA HIS A 108 -32.52 16.96 -20.93
C HIS A 108 -32.37 15.61 -21.62
N ILE A 109 -33.25 14.66 -21.26
CA ILE A 109 -33.21 13.33 -21.85
C ILE A 109 -33.30 13.41 -23.37
N ASN A 110 -34.26 14.18 -23.87
CA ASN A 110 -34.43 14.32 -25.31
C ASN A 110 -33.23 14.94 -25.99
N GLY A 111 -32.64 15.95 -25.37
CA GLY A 111 -31.49 16.61 -25.96
C GLY A 111 -30.26 15.73 -26.07
N VAL A 112 -29.91 15.05 -24.99
CA VAL A 112 -28.73 14.18 -24.99
C VAL A 112 -28.91 12.92 -25.85
N MET A 113 -30.00 12.20 -25.66
CA MET A 113 -30.22 11.00 -26.44
C MET A 113 -30.35 11.34 -27.92
N GLY A 114 -30.95 12.48 -28.22
CA GLY A 114 -31.08 12.88 -29.61
C GLY A 114 -29.73 13.06 -30.25
N HIS A 115 -28.79 13.64 -29.51
CA HIS A 115 -27.44 13.86 -30.00
C HIS A 115 -26.72 12.57 -30.31
N TYR A 116 -26.96 11.54 -29.49
CA TYR A 116 -26.30 10.24 -29.65
C TYR A 116 -27.23 9.16 -30.20
N LYS A 117 -28.38 9.56 -30.74
CA LYS A 117 -29.35 8.60 -31.25
C LYS A 117 -28.79 7.48 -32.13
N GLY A 118 -29.08 6.25 -31.72
CA GLY A 118 -28.64 5.08 -32.46
C GLY A 118 -27.17 4.68 -32.37
N LYS A 119 -26.41 5.38 -31.54
CA LYS A 119 -24.98 5.08 -31.42
C LYS A 119 -24.58 4.53 -30.05
N ILE A 120 -25.53 4.47 -29.13
CA ILE A 120 -25.26 4.01 -27.77
C ILE A 120 -25.88 2.64 -27.47
N ALA A 121 -25.06 1.71 -27.00
CA ALA A 121 -25.53 0.37 -26.69
C ALA A 121 -26.48 0.35 -25.50
N GLN A 122 -26.10 1.05 -24.43
CA GLN A 122 -26.90 1.12 -23.20
C GLN A 122 -26.87 2.53 -22.63
N TRP A 123 -27.99 2.94 -22.03
CA TRP A 123 -28.05 4.24 -21.37
C TRP A 123 -28.46 4.05 -19.92
N ASP A 124 -27.72 4.67 -19.00
CA ASP A 124 -28.13 4.63 -17.61
C ASP A 124 -29.12 5.79 -17.60
N VAL A 125 -30.41 5.48 -17.73
CA VAL A 125 -31.43 6.52 -17.76
C VAL A 125 -31.64 7.17 -16.41
N VAL A 126 -31.73 6.35 -15.37
CA VAL A 126 -31.90 6.84 -14.01
C VAL A 126 -30.92 6.09 -13.12
N SER A 127 -30.37 6.79 -12.13
CA SER A 127 -29.42 6.18 -11.22
C SER A 127 -29.56 6.74 -9.81
N HIS A 128 -29.05 5.99 -8.82
CA HIS A 128 -29.09 6.40 -7.42
C HIS A 128 -30.47 6.85 -6.93
N ALA A 129 -31.53 6.22 -7.42
CA ALA A 129 -32.89 6.62 -7.03
C ALA A 129 -33.40 6.08 -5.68
N PHE A 130 -32.73 5.07 -5.13
CA PHE A 130 -33.16 4.51 -3.86
C PHE A 130 -32.30 4.89 -2.66
N SER A 131 -32.92 4.90 -1.47
CA SER A 131 -32.24 5.27 -0.24
C SER A 131 -31.40 4.16 0.38
N ASP A 132 -30.49 4.56 1.27
CA ASP A 132 -29.62 3.62 1.96
C ASP A 132 -30.03 3.54 3.43
N ASP A 133 -31.17 4.13 3.76
CA ASP A 133 -31.65 4.13 5.15
C ASP A 133 -32.13 2.76 5.63
N GLY A 134 -32.26 1.83 4.69
CA GLY A 134 -32.70 0.49 5.05
C GLY A 134 -34.20 0.23 4.95
N SER A 135 -34.93 1.20 4.41
CA SER A 135 -36.38 1.06 4.27
C SER A 135 -36.74 0.49 2.91
N GLY A 136 -35.81 0.55 1.97
CA GLY A 136 -36.06 0.04 0.64
C GLY A 136 -36.87 1.01 -0.18
N GLY A 137 -37.02 2.24 0.32
CA GLY A 137 -37.79 3.24 -0.39
C GLY A 137 -36.94 4.20 -1.21
N ARG A 138 -37.60 5.12 -1.90
CA ARG A 138 -36.92 6.11 -2.73
C ARG A 138 -36.15 7.10 -1.87
N ARG A 139 -35.01 7.59 -2.37
CA ARG A 139 -34.23 8.55 -1.60
C ARG A 139 -34.85 9.92 -1.81
N ASP A 140 -34.81 10.75 -0.77
CA ASP A 140 -35.37 12.09 -0.86
C ASP A 140 -34.52 12.98 -1.76
N SER A 141 -35.10 13.42 -2.88
CA SER A 141 -34.41 14.28 -3.82
C SER A 141 -35.42 15.21 -4.48
N ASN A 142 -34.94 16.23 -5.17
CA ASN A 142 -35.82 17.17 -5.84
C ASN A 142 -36.59 16.44 -6.94
N LEU A 143 -35.96 15.44 -7.54
CA LEU A 143 -36.57 14.65 -8.60
C LEU A 143 -37.71 13.79 -8.04
N GLN A 144 -37.46 13.18 -6.88
CA GLN A 144 -38.45 12.33 -6.24
C GLN A 144 -39.63 13.17 -5.75
N ARG A 145 -39.35 14.40 -5.35
CA ARG A 145 -40.40 15.29 -4.85
C ARG A 145 -41.32 15.81 -5.96
N THR A 146 -40.99 15.50 -7.21
CA THR A 146 -41.81 15.94 -8.33
C THR A 146 -42.92 14.92 -8.57
N GLY A 147 -42.73 13.71 -8.04
CA GLY A 147 -43.70 12.66 -8.20
C GLY A 147 -43.00 11.31 -8.27
N ASN A 148 -43.54 10.33 -7.57
CA ASN A 148 -42.95 8.99 -7.55
C ASN A 148 -42.86 8.38 -8.93
N ASP A 149 -43.59 8.94 -9.89
CA ASP A 149 -43.60 8.45 -11.25
C ASP A 149 -42.51 9.06 -12.14
N TRP A 150 -41.59 9.82 -11.55
CA TRP A 150 -40.55 10.45 -12.34
C TRP A 150 -39.66 9.43 -13.05
N ILE A 151 -39.36 8.33 -12.39
CA ILE A 151 -38.52 7.29 -13.00
C ILE A 151 -39.22 6.69 -14.21
N GLU A 152 -40.49 6.32 -14.04
CA GLU A 152 -41.25 5.74 -15.13
C GLU A 152 -41.29 6.68 -16.33
N VAL A 153 -41.51 7.97 -16.06
CA VAL A 153 -41.57 8.97 -17.13
C VAL A 153 -40.23 9.10 -17.84
N ALA A 154 -39.15 9.01 -17.07
CA ALA A 154 -37.81 9.11 -17.65
C ALA A 154 -37.60 8.01 -18.70
N PHE A 155 -38.00 6.79 -18.34
CA PHE A 155 -37.83 5.65 -19.24
C PHE A 155 -38.71 5.74 -20.48
N ARG A 156 -39.96 6.16 -20.32
CA ARG A 156 -40.85 6.28 -21.47
C ARG A 156 -40.30 7.35 -22.40
N THR A 157 -39.78 8.43 -21.82
CA THR A 157 -39.20 9.52 -22.60
C THR A 157 -38.00 9.01 -23.38
N ALA A 158 -37.14 8.27 -22.69
CA ALA A 158 -35.94 7.71 -23.31
C ALA A 158 -36.25 6.76 -24.46
N ARG A 159 -37.22 5.88 -24.27
CA ARG A 159 -37.58 4.94 -25.32
C ARG A 159 -37.93 5.65 -26.61
N ALA A 160 -38.74 6.70 -26.50
CA ALA A 160 -39.16 7.46 -27.67
C ALA A 160 -38.00 8.22 -28.31
N ALA A 161 -37.11 8.75 -27.47
CA ALA A 161 -35.95 9.51 -27.95
C ALA A 161 -35.01 8.64 -28.77
N ASP A 162 -34.77 7.41 -28.31
CA ASP A 162 -33.88 6.50 -29.03
C ASP A 162 -34.26 5.05 -28.77
N PRO A 163 -35.12 4.48 -29.63
CA PRO A 163 -35.57 3.09 -29.50
C PRO A 163 -34.47 2.04 -29.68
N ALA A 164 -33.31 2.45 -30.19
CA ALA A 164 -32.21 1.52 -30.43
C ALA A 164 -31.32 1.25 -29.21
N ALA A 165 -31.44 2.09 -28.19
CA ALA A 165 -30.61 1.91 -27.00
C ALA A 165 -31.30 1.11 -25.91
N LYS A 166 -30.54 0.27 -25.22
CA LYS A 166 -31.09 -0.48 -24.11
C LYS A 166 -31.14 0.48 -22.93
N LEU A 167 -32.30 0.57 -22.29
CA LEU A 167 -32.48 1.49 -21.17
C LEU A 167 -32.27 0.81 -19.84
N CYS A 168 -31.31 1.30 -19.06
CA CYS A 168 -31.02 0.70 -17.76
C CYS A 168 -31.28 1.59 -16.55
N TYR A 169 -31.63 0.95 -15.45
CA TYR A 169 -31.79 1.64 -14.18
C TYR A 169 -30.49 1.22 -13.49
N ASN A 170 -29.71 2.19 -13.02
CA ASN A 170 -28.42 1.91 -12.39
C ASN A 170 -28.39 2.34 -10.93
N ASP A 171 -27.76 1.53 -10.07
CA ASP A 171 -27.66 1.87 -8.65
C ASP A 171 -26.60 1.04 -7.93
N TYR A 172 -26.26 1.44 -6.72
CA TYR A 172 -25.27 0.74 -5.91
C TYR A 172 -25.92 0.15 -4.67
N ASN A 173 -25.23 -0.76 -4.01
CA ASN A 173 -25.74 -1.42 -2.82
C ASN A 173 -27.06 -2.14 -3.10
N ILE A 174 -27.18 -2.68 -4.30
CA ILE A 174 -28.37 -3.44 -4.70
C ILE A 174 -27.87 -4.80 -5.20
N GLU A 175 -26.66 -5.16 -4.80
CA GLU A 175 -26.05 -6.42 -5.20
C GLU A 175 -26.38 -7.57 -4.25
N ASN A 176 -26.50 -7.27 -2.95
CA ASN A 176 -26.82 -8.28 -1.96
C ASN A 176 -28.33 -8.48 -1.92
N TRP A 177 -28.77 -9.69 -2.24
CA TRP A 177 -30.19 -10.00 -2.29
C TRP A 177 -30.96 -9.74 -0.99
N THR A 178 -30.29 -9.88 0.15
CA THR A 178 -30.96 -9.68 1.44
C THR A 178 -31.21 -8.22 1.84
N TRP A 179 -30.59 -7.28 1.14
CA TRP A 179 -30.75 -5.87 1.46
C TRP A 179 -32.07 -5.26 0.99
N ALA A 180 -32.66 -4.41 1.84
CA ALA A 180 -33.91 -3.77 1.53
C ALA A 180 -33.84 -2.94 0.24
N LYS A 181 -32.70 -2.29 0.02
CA LYS A 181 -32.53 -1.47 -1.17
C LYS A 181 -32.65 -2.33 -2.42
N THR A 182 -32.05 -3.51 -2.38
CA THR A 182 -32.10 -4.44 -3.52
C THR A 182 -33.55 -4.82 -3.81
N GLN A 183 -34.31 -5.11 -2.75
CA GLN A 183 -35.70 -5.49 -2.89
C GLN A 183 -36.53 -4.33 -3.43
N GLY A 184 -36.22 -3.11 -2.98
CA GLY A 184 -36.95 -1.95 -3.45
C GLY A 184 -36.82 -1.80 -4.96
N VAL A 185 -35.61 -1.97 -5.47
CA VAL A 185 -35.37 -1.85 -6.90
C VAL A 185 -36.00 -3.04 -7.64
N TYR A 186 -35.89 -4.23 -7.06
CA TYR A 186 -36.45 -5.43 -7.68
C TYR A 186 -37.96 -5.25 -7.86
N ASN A 187 -38.64 -4.81 -6.81
CA ASN A 187 -40.08 -4.60 -6.87
C ASN A 187 -40.44 -3.57 -7.91
N MET A 188 -39.64 -2.51 -8.03
CA MET A 188 -39.92 -1.48 -9.02
C MET A 188 -39.80 -2.01 -10.43
N VAL A 189 -38.70 -2.71 -10.72
CA VAL A 189 -38.49 -3.26 -12.06
C VAL A 189 -39.56 -4.29 -12.40
N ARG A 190 -39.94 -5.12 -11.44
CA ARG A 190 -40.97 -6.12 -11.68
C ARG A 190 -42.26 -5.39 -12.05
N ASP A 191 -42.60 -4.36 -11.28
CA ASP A 191 -43.80 -3.57 -11.53
C ASP A 191 -43.74 -2.99 -12.94
N PHE A 192 -42.59 -2.41 -13.29
CA PHE A 192 -42.38 -1.82 -14.60
C PHE A 192 -42.63 -2.83 -15.72
N LYS A 193 -42.05 -4.01 -15.60
CA LYS A 193 -42.22 -5.04 -16.63
C LYS A 193 -43.68 -5.49 -16.74
N GLN A 194 -44.35 -5.58 -15.60
CA GLN A 194 -45.75 -6.00 -15.58
C GLN A 194 -46.65 -4.96 -16.23
N ARG A 195 -46.35 -3.68 -16.01
CA ARG A 195 -47.16 -2.60 -16.57
C ARG A 195 -46.70 -2.13 -17.95
N GLY A 196 -45.61 -2.70 -18.44
CA GLY A 196 -45.12 -2.33 -19.76
C GLY A 196 -44.21 -1.11 -19.80
N VAL A 197 -43.70 -0.68 -18.66
CA VAL A 197 -42.79 0.45 -18.62
C VAL A 197 -41.54 0.02 -19.36
N PRO A 198 -41.10 0.82 -20.36
CA PRO A 198 -39.90 0.47 -21.14
C PRO A 198 -38.55 0.50 -20.40
N ILE A 199 -38.16 -0.65 -19.87
CA ILE A 199 -36.88 -0.79 -19.19
C ILE A 199 -36.29 -2.09 -19.73
N ASP A 200 -35.04 -2.04 -20.18
CA ASP A 200 -34.39 -3.22 -20.77
C ASP A 200 -33.27 -3.82 -19.94
N CYS A 201 -32.77 -3.07 -18.97
CA CYS A 201 -31.66 -3.54 -18.17
C CYS A 201 -31.55 -2.91 -16.79
N VAL A 202 -30.85 -3.61 -15.90
CA VAL A 202 -30.60 -3.10 -14.57
C VAL A 202 -29.09 -3.12 -14.41
N GLY A 203 -28.53 -1.98 -14.03
CA GLY A 203 -27.10 -1.88 -13.84
C GLY A 203 -26.73 -1.96 -12.38
N PHE A 204 -25.80 -2.85 -12.06
CA PHE A 204 -25.34 -3.02 -10.70
C PHE A 204 -23.94 -2.41 -10.62
N GLN A 205 -23.84 -1.25 -9.99
CA GLN A 205 -22.56 -0.54 -9.91
C GLN A 205 -21.43 -1.41 -9.37
N SER A 206 -21.73 -2.22 -8.37
CA SER A 206 -20.75 -3.14 -7.80
C SER A 206 -19.49 -2.48 -7.21
N HIS A 207 -19.70 -1.48 -6.36
CA HIS A 207 -18.60 -0.82 -5.66
C HIS A 207 -18.46 -1.55 -4.34
N PHE A 208 -17.75 -2.68 -4.37
CA PHE A 208 -17.56 -3.52 -3.20
C PHE A 208 -16.40 -3.10 -2.30
N ASN A 209 -16.64 -3.13 -0.99
CA ASN A 209 -15.62 -2.82 0.01
C ASN A 209 -16.05 -3.46 1.33
N SER A 210 -15.24 -3.34 2.37
CA SER A 210 -15.62 -4.00 3.63
C SER A 210 -16.87 -3.43 4.30
N GLY A 211 -17.31 -2.26 3.84
CA GLY A 211 -18.52 -1.67 4.39
C GLY A 211 -19.74 -2.24 3.68
N SER A 212 -19.55 -2.58 2.41
CA SER A 212 -20.59 -3.16 1.57
C SER A 212 -19.88 -4.23 0.74
N PRO A 213 -19.54 -5.35 1.36
CA PRO A 213 -18.84 -6.45 0.71
C PRO A 213 -19.59 -7.31 -0.28
N TYR A 214 -18.84 -7.85 -1.22
CA TYR A 214 -19.40 -8.74 -2.21
C TYR A 214 -19.89 -9.97 -1.44
N ASN A 215 -20.99 -10.55 -1.90
CA ASN A 215 -21.53 -11.76 -1.29
C ASN A 215 -21.88 -12.66 -2.46
N SER A 216 -21.70 -13.97 -2.28
CA SER A 216 -21.99 -14.90 -3.36
C SER A 216 -23.43 -14.77 -3.85
N ASN A 217 -24.32 -14.23 -3.03
CA ASN A 217 -25.72 -14.09 -3.48
C ASN A 217 -25.91 -13.05 -4.55
N PHE A 218 -24.83 -12.37 -4.96
CA PHE A 218 -24.93 -11.38 -6.02
C PHE A 218 -25.39 -12.11 -7.27
N ARG A 219 -24.91 -13.35 -7.44
CA ARG A 219 -25.29 -14.14 -8.60
C ARG A 219 -26.80 -14.37 -8.59
N THR A 220 -27.34 -14.64 -7.41
CA THR A 220 -28.76 -14.89 -7.25
C THR A 220 -29.53 -13.62 -7.59
N THR A 221 -29.01 -12.48 -7.17
CA THR A 221 -29.65 -11.20 -7.46
C THR A 221 -29.70 -11.02 -8.98
N LEU A 222 -28.59 -11.26 -9.65
CA LEU A 222 -28.54 -11.11 -11.10
C LEU A 222 -29.52 -12.05 -11.77
N GLN A 223 -29.57 -13.29 -11.30
CA GLN A 223 -30.48 -14.28 -11.87
C GLN A 223 -31.94 -13.92 -11.61
N ASN A 224 -32.22 -13.37 -10.42
CA ASN A 224 -33.58 -12.98 -10.09
C ASN A 224 -34.04 -11.84 -10.99
N PHE A 225 -33.18 -10.86 -11.24
CA PHE A 225 -33.56 -9.76 -12.10
C PHE A 225 -33.70 -10.24 -13.55
N ALA A 226 -32.80 -11.11 -13.99
CA ALA A 226 -32.85 -11.62 -15.35
C ALA A 226 -34.17 -12.35 -15.58
N ALA A 227 -34.66 -12.99 -14.53
CA ALA A 227 -35.92 -13.74 -14.61
C ALA A 227 -37.13 -12.82 -14.81
N LEU A 228 -36.93 -11.51 -14.59
CA LEU A 228 -38.00 -10.54 -14.76
C LEU A 228 -38.13 -10.15 -16.23
N GLY A 229 -37.15 -10.55 -17.03
CA GLY A 229 -37.19 -10.23 -18.45
C GLY A 229 -36.36 -9.03 -18.83
N VAL A 230 -35.31 -8.76 -18.06
CA VAL A 230 -34.42 -7.64 -18.36
C VAL A 230 -32.99 -8.16 -18.36
N ASP A 231 -32.11 -7.47 -19.08
CA ASP A 231 -30.71 -7.84 -19.09
C ASP A 231 -30.12 -7.23 -17.84
N VAL A 232 -28.94 -7.71 -17.46
CA VAL A 232 -28.26 -7.14 -16.30
C VAL A 232 -26.84 -6.80 -16.73
N ALA A 233 -26.26 -5.82 -16.05
CA ALA A 233 -24.91 -5.41 -16.37
C ALA A 233 -24.19 -4.97 -15.11
N ILE A 234 -22.91 -5.32 -15.00
CA ILE A 234 -22.08 -4.93 -13.87
C ILE A 234 -21.45 -3.68 -14.45
N THR A 235 -21.90 -2.54 -13.93
CA THR A 235 -21.49 -1.25 -14.49
C THR A 235 -20.32 -0.42 -13.97
N GLU A 236 -19.99 -0.54 -12.69
CA GLU A 236 -18.91 0.28 -12.14
C GLU A 236 -18.06 -0.51 -11.15
N LEU A 237 -17.75 -1.74 -11.52
CA LEU A 237 -16.99 -2.62 -10.65
C LEU A 237 -15.63 -2.17 -10.18
N ASP A 238 -15.46 -2.21 -8.86
CA ASP A 238 -14.18 -1.97 -8.21
C ASP A 238 -14.31 -2.68 -6.87
N ILE A 239 -13.19 -3.25 -6.41
CA ILE A 239 -13.19 -4.00 -5.17
C ILE A 239 -12.05 -3.55 -4.27
N GLN A 240 -12.40 -3.05 -3.09
CA GLN A 240 -11.41 -2.59 -2.13
C GLN A 240 -10.41 -3.71 -1.86
N GLY A 241 -9.14 -3.45 -2.17
CA GLY A 241 -8.11 -4.46 -1.96
C GLY A 241 -7.83 -5.28 -3.20
N ALA A 242 -8.77 -5.26 -4.15
CA ALA A 242 -8.66 -6.00 -5.39
C ALA A 242 -8.35 -7.48 -5.21
N SER A 243 -9.06 -8.11 -4.28
CA SER A 243 -8.86 -9.54 -4.02
C SER A 243 -9.01 -10.32 -5.33
N SER A 244 -8.06 -11.21 -5.60
CA SER A 244 -8.12 -12.01 -6.82
C SER A 244 -9.35 -12.92 -6.81
N SER A 245 -9.66 -13.49 -5.64
CA SER A 245 -10.82 -14.38 -5.53
C SER A 245 -12.13 -13.64 -5.75
N THR A 246 -12.25 -12.45 -5.17
CA THR A 246 -13.47 -11.68 -5.32
C THR A 246 -13.65 -11.24 -6.77
N TYR A 247 -12.56 -10.81 -7.40
CA TYR A 247 -12.64 -10.38 -8.79
C TYR A 247 -13.05 -11.55 -9.68
N ALA A 248 -12.48 -12.73 -9.43
CA ALA A 248 -12.83 -13.90 -10.23
C ALA A 248 -14.27 -14.31 -9.95
N ALA A 249 -14.70 -14.16 -8.70
CA ALA A 249 -16.06 -14.53 -8.31
C ALA A 249 -17.10 -13.68 -9.05
N VAL A 250 -16.89 -12.37 -9.07
CA VAL A 250 -17.81 -11.46 -9.76
C VAL A 250 -17.80 -11.76 -11.26
N THR A 251 -16.62 -12.05 -11.80
CA THR A 251 -16.51 -12.36 -13.21
C THR A 251 -17.32 -13.61 -13.53
N ASN A 252 -17.20 -14.63 -12.69
CA ASN A 252 -17.94 -15.87 -12.91
C ASN A 252 -19.43 -15.70 -12.69
N ASP A 253 -19.83 -14.73 -11.86
CA ASP A 253 -21.26 -14.50 -11.66
C ASP A 253 -21.87 -14.02 -12.96
N CYS A 254 -21.19 -13.12 -13.65
CA CYS A 254 -21.71 -12.62 -14.92
C CYS A 254 -21.74 -13.75 -15.95
N LEU A 255 -20.70 -14.57 -15.97
CA LEU A 255 -20.63 -15.69 -16.92
C LEU A 255 -21.74 -16.72 -16.65
N ALA A 256 -22.23 -16.75 -15.42
CA ALA A 256 -23.26 -17.72 -15.04
C ALA A 256 -24.66 -17.25 -15.38
N VAL A 257 -24.79 -16.00 -15.80
CA VAL A 257 -26.09 -15.41 -16.13
C VAL A 257 -26.16 -15.08 -17.61
N SER A 258 -27.02 -15.82 -18.31
CA SER A 258 -27.17 -15.64 -19.76
C SER A 258 -27.39 -14.19 -20.19
N ARG A 259 -28.19 -13.45 -19.43
CA ARG A 259 -28.48 -12.07 -19.77
C ARG A 259 -27.54 -11.02 -19.19
N CYS A 260 -26.42 -11.45 -18.60
CA CYS A 260 -25.46 -10.48 -18.09
C CYS A 260 -24.66 -10.07 -19.33
N LEU A 261 -24.87 -8.84 -19.77
CA LEU A 261 -24.23 -8.33 -20.98
C LEU A 261 -22.73 -8.18 -20.89
N GLY A 262 -22.23 -7.90 -19.69
CA GLY A 262 -20.80 -7.72 -19.54
C GLY A 262 -20.48 -7.03 -18.24
N ILE A 263 -19.19 -6.75 -18.07
CA ILE A 263 -18.67 -6.12 -16.87
C ILE A 263 -17.81 -4.91 -17.20
N THR A 264 -18.02 -3.82 -16.46
CA THR A 264 -17.23 -2.61 -16.63
C THR A 264 -16.56 -2.33 -15.30
N VAL A 265 -15.23 -2.18 -15.30
CA VAL A 265 -14.54 -1.83 -14.06
C VAL A 265 -14.45 -0.30 -14.07
N TRP A 266 -14.57 0.32 -12.90
CA TRP A 266 -14.61 1.77 -12.83
C TRP A 266 -13.25 2.48 -12.89
N GLY A 267 -12.58 2.35 -14.02
CA GLY A 267 -11.28 2.98 -14.17
C GLY A 267 -10.25 2.04 -14.73
N VAL A 268 -9.12 2.60 -15.18
CA VAL A 268 -8.05 1.82 -15.77
C VAL A 268 -7.01 1.41 -14.74
N ARG A 269 -6.28 2.37 -14.20
CA ARG A 269 -5.26 2.09 -13.18
C ARG A 269 -5.74 2.60 -11.82
N ASP A 270 -5.19 2.04 -10.75
CA ASP A 270 -5.60 2.48 -9.41
C ASP A 270 -5.45 3.99 -9.25
N THR A 271 -4.45 4.56 -9.90
CA THR A 271 -4.21 6.01 -9.82
C THR A 271 -5.31 6.81 -10.52
N ASP A 272 -6.09 6.14 -11.37
CA ASP A 272 -7.19 6.79 -12.09
C ASP A 272 -8.49 6.62 -11.34
N SER A 273 -8.47 5.82 -10.28
CA SER A 273 -9.68 5.53 -9.51
C SER A 273 -10.22 6.67 -8.66
N TRP A 274 -11.55 6.73 -8.55
CA TRP A 274 -12.21 7.74 -7.74
C TRP A 274 -11.97 7.38 -6.27
N ARG A 275 -11.48 6.16 -6.04
CA ARG A 275 -11.17 5.67 -4.70
C ARG A 275 -9.81 4.97 -4.72
N SER A 276 -8.79 5.69 -5.14
CA SER A 276 -7.44 5.13 -5.25
C SER A 276 -6.91 4.54 -3.94
N GLY A 277 -7.34 5.10 -2.81
CA GLY A 277 -6.90 4.60 -1.51
C GLY A 277 -7.32 3.16 -1.26
N ASP A 278 -8.33 2.71 -1.99
CA ASP A 278 -8.81 1.34 -1.86
C ASP A 278 -8.17 0.42 -2.90
N THR A 279 -7.20 0.95 -3.67
CA THR A 279 -6.49 0.21 -4.75
C THR A 279 -7.44 -0.88 -5.23
N PRO A 280 -8.60 -0.47 -5.75
CA PRO A 280 -9.65 -1.36 -6.24
C PRO A 280 -9.74 -1.81 -7.69
N LEU A 281 -8.77 -1.45 -8.52
CA LEU A 281 -8.84 -1.82 -9.93
C LEU A 281 -7.87 -2.94 -10.32
N LEU A 282 -7.73 -3.19 -11.63
CA LEU A 282 -6.90 -4.29 -12.11
C LEU A 282 -5.47 -3.96 -12.55
N PHE A 283 -5.16 -2.68 -12.63
CA PHE A 283 -3.81 -2.25 -13.03
C PHE A 283 -3.25 -1.30 -11.98
N ASN A 284 -1.94 -1.39 -11.75
CA ASN A 284 -1.26 -0.51 -10.81
C ASN A 284 -0.99 0.80 -11.52
N GLY A 285 -0.62 1.82 -10.73
CA GLY A 285 -0.32 3.12 -11.32
C GLY A 285 0.78 3.06 -12.35
N ASP A 286 1.75 2.18 -12.16
CA ASP A 286 2.85 2.07 -13.11
C ASP A 286 2.49 1.24 -14.34
N GLY A 287 1.22 0.86 -14.44
CA GLY A 287 0.74 0.11 -15.58
C GLY A 287 0.82 -1.40 -15.49
N SER A 288 1.42 -1.92 -14.42
CA SER A 288 1.56 -3.36 -14.27
C SER A 288 0.24 -4.05 -13.94
N LYS A 289 0.05 -5.24 -14.50
CA LYS A 289 -1.14 -6.03 -14.24
C LYS A 289 -1.08 -6.57 -12.82
N LYS A 290 -2.18 -6.43 -12.09
CA LYS A 290 -2.24 -6.93 -10.72
C LYS A 290 -2.61 -8.42 -10.73
N ALA A 291 -2.42 -9.07 -9.59
CA ALA A 291 -2.75 -10.49 -9.49
C ALA A 291 -4.21 -10.70 -9.89
N ALA A 292 -5.07 -9.74 -9.56
CA ALA A 292 -6.49 -9.85 -9.89
C ALA A 292 -6.73 -9.82 -11.39
N TYR A 293 -5.86 -9.14 -12.13
CA TYR A 293 -6.03 -9.08 -13.59
C TYR A 293 -5.99 -10.50 -14.15
N THR A 294 -4.98 -11.26 -13.74
CA THR A 294 -4.82 -12.62 -14.21
C THR A 294 -5.99 -13.51 -13.77
N ALA A 295 -6.50 -13.26 -12.56
CA ALA A 295 -7.63 -14.03 -12.05
C ALA A 295 -8.87 -13.80 -12.92
N VAL A 296 -9.08 -12.55 -13.31
CA VAL A 296 -10.22 -12.21 -14.15
C VAL A 296 -10.05 -12.78 -15.56
N LEU A 297 -8.86 -12.63 -16.13
CA LEU A 297 -8.60 -13.14 -17.47
C LEU A 297 -8.82 -14.66 -17.49
N ASN A 298 -8.31 -15.35 -16.47
CA ASN A 298 -8.47 -16.80 -16.40
C ASN A 298 -9.94 -17.19 -16.35
N ALA A 299 -10.72 -16.44 -15.57
CA ALA A 299 -12.14 -16.73 -15.46
C ALA A 299 -12.83 -16.53 -16.81
N LEU A 300 -12.53 -15.42 -17.48
CA LEU A 300 -13.15 -15.13 -18.77
C LEU A 300 -12.78 -16.19 -19.80
N ASN A 301 -11.61 -16.78 -19.67
CA ASN A 301 -11.17 -17.81 -20.60
C ASN A 301 -11.71 -19.20 -20.22
N GLY A 302 -12.56 -19.22 -19.20
CA GLY A 302 -13.16 -20.47 -18.76
C GLY A 302 -12.31 -21.33 -17.84
N GLY A 303 -11.42 -20.69 -17.09
CA GLY A 303 -10.56 -21.42 -16.18
C GLY A 303 -9.68 -22.42 -16.90
N GLY A 313 0.45 -25.55 -0.79
CA GLY A 313 0.85 -26.70 -1.57
C GLY A 313 2.21 -26.53 -2.21
N GLN A 314 2.72 -27.58 -2.83
CA GLN A 314 4.02 -27.52 -3.48
C GLN A 314 3.92 -26.90 -4.85
N ILE A 315 5.01 -26.28 -5.28
CA ILE A 315 5.11 -25.67 -6.60
C ILE A 315 6.27 -26.41 -7.24
N LYS A 316 5.96 -27.27 -8.21
CA LYS A 316 6.96 -28.08 -8.87
C LYS A 316 7.39 -27.60 -10.25
N GLY A 317 8.69 -27.53 -10.47
CA GLY A 317 9.22 -27.10 -11.75
C GLY A 317 9.03 -28.19 -12.79
N VAL A 318 8.53 -27.83 -13.96
CA VAL A 318 8.29 -28.79 -15.02
C VAL A 318 9.58 -29.38 -15.58
N GLY A 319 10.56 -28.53 -15.85
CA GLY A 319 11.82 -29.00 -16.40
C GLY A 319 12.68 -29.83 -15.46
N SER A 320 12.58 -29.55 -14.17
CA SER A 320 13.38 -30.25 -13.17
C SER A 320 12.66 -31.36 -12.42
N GLY A 321 11.35 -31.19 -12.25
CA GLY A 321 10.59 -32.16 -11.51
C GLY A 321 10.82 -31.96 -10.02
N ARG A 322 11.48 -30.84 -9.69
CA ARG A 322 11.78 -30.51 -8.30
C ARG A 322 10.92 -29.35 -7.79
N CYS A 323 10.78 -29.25 -6.48
CA CYS A 323 9.94 -28.25 -5.85
C CYS A 323 10.60 -26.95 -5.39
N LEU A 324 9.83 -25.86 -5.38
CA LEU A 324 10.31 -24.55 -4.91
C LEU A 324 10.55 -24.81 -3.42
N ASP A 325 11.78 -24.57 -2.99
CA ASP A 325 12.18 -24.90 -1.62
C ASP A 325 13.02 -23.82 -0.91
N VAL A 326 12.73 -23.57 0.36
CA VAL A 326 13.51 -22.60 1.11
C VAL A 326 14.61 -23.44 1.77
N PRO A 327 15.87 -23.24 1.36
CA PRO A 327 17.02 -23.98 1.90
C PRO A 327 17.03 -24.23 3.39
N ASN A 328 17.11 -25.52 3.75
CA ASN A 328 17.18 -25.96 5.13
C ASN A 328 16.07 -25.43 6.03
N ALA A 329 14.91 -25.14 5.44
CA ALA A 329 13.77 -24.64 6.18
C ALA A 329 14.09 -23.36 6.96
N SER A 330 14.99 -22.56 6.40
CA SER A 330 15.37 -21.29 7.02
C SER A 330 14.19 -20.33 6.93
N THR A 331 14.08 -19.44 7.92
CA THR A 331 13.00 -18.46 7.93
C THR A 331 13.62 -17.06 7.87
N THR A 332 14.93 -17.03 7.63
CA THR A 332 15.68 -15.77 7.56
C THR A 332 15.42 -14.91 6.34
N ASP A 333 15.11 -13.64 6.56
CA ASP A 333 14.87 -12.71 5.46
C ASP A 333 16.11 -12.68 4.57
N GLY A 334 15.91 -12.73 3.26
CA GLY A 334 17.05 -12.69 2.35
C GLY A 334 17.55 -14.05 1.90
N THR A 335 16.91 -15.13 2.34
CA THR A 335 17.34 -16.46 1.94
C THR A 335 16.80 -16.76 0.55
N GLN A 336 17.71 -16.92 -0.42
CA GLN A 336 17.29 -17.20 -1.79
C GLN A 336 16.69 -18.60 -1.88
N VAL A 337 15.60 -18.72 -2.62
CA VAL A 337 14.94 -20.01 -2.76
C VAL A 337 15.62 -20.87 -3.83
N GLN A 338 15.35 -22.16 -3.80
CA GLN A 338 15.98 -23.10 -4.71
C GLN A 338 15.03 -24.20 -5.15
N LEU A 339 15.56 -25.10 -5.99
CA LEU A 339 14.84 -26.27 -6.45
C LEU A 339 15.33 -27.39 -5.55
N TYR A 340 14.44 -28.30 -5.16
CA TYR A 340 14.86 -29.41 -4.33
C TYR A 340 13.86 -30.55 -4.42
N ASP A 341 14.34 -31.77 -4.28
CA ASP A 341 13.49 -32.95 -4.32
C ASP A 341 12.25 -32.68 -3.48
N CYS A 342 11.09 -32.96 -4.04
CA CYS A 342 9.84 -32.72 -3.35
C CYS A 342 9.61 -33.70 -2.20
N HIS A 343 9.21 -33.17 -1.05
CA HIS A 343 8.92 -34.00 0.11
C HIS A 343 8.01 -33.23 1.06
N SER A 344 7.42 -33.93 2.02
CA SER A 344 6.51 -33.30 2.98
C SER A 344 7.27 -32.45 3.98
N ALA A 345 7.33 -31.15 3.70
CA ALA A 345 8.02 -30.20 4.56
C ALA A 345 7.41 -28.81 4.41
N THR A 346 7.34 -28.07 5.51
CA THR A 346 6.76 -26.73 5.49
C THR A 346 7.51 -25.76 4.59
N ASN A 347 8.80 -26.00 4.38
CA ASN A 347 9.59 -25.10 3.54
C ASN A 347 9.35 -25.30 2.05
N GLN A 348 8.34 -26.12 1.71
CA GLN A 348 7.97 -26.37 0.32
C GLN A 348 6.47 -26.13 0.14
N GLN A 349 5.81 -25.70 1.21
CA GLN A 349 4.38 -25.43 1.19
C GLN A 349 4.10 -23.96 0.97
N TRP A 350 3.64 -23.63 -0.23
CA TRP A 350 3.34 -22.25 -0.59
C TRP A 350 1.85 -21.97 -0.70
N THR A 351 1.43 -20.84 -0.18
CA THR A 351 0.02 -20.45 -0.22
C THR A 351 -0.17 -19.19 -1.04
N TYR A 352 -0.99 -19.28 -2.09
CA TYR A 352 -1.26 -18.14 -2.94
C TYR A 352 -2.43 -17.38 -2.32
N THR A 353 -2.19 -16.13 -1.94
CA THR A 353 -3.21 -15.31 -1.30
C THR A 353 -3.97 -14.42 -2.29
N ASP A 354 -5.06 -13.83 -1.81
CA ASP A 354 -5.87 -12.95 -2.65
C ASP A 354 -5.13 -11.69 -3.06
N ALA A 355 -4.07 -11.36 -2.31
CA ALA A 355 -3.28 -10.18 -2.61
C ALA A 355 -2.21 -10.53 -3.64
N GLY A 356 -2.14 -11.80 -4.00
CA GLY A 356 -1.17 -12.24 -5.00
C GLY A 356 0.17 -12.68 -4.45
N GLU A 357 0.23 -12.91 -3.14
CA GLU A 357 1.49 -13.33 -2.52
C GLU A 357 1.62 -14.85 -2.56
N LEU A 358 2.85 -15.33 -2.45
CA LEU A 358 3.12 -16.75 -2.35
C LEU A 358 3.80 -16.84 -0.98
N ARG A 359 2.99 -17.18 0.02
CA ARG A 359 3.44 -17.26 1.40
C ARG A 359 3.97 -18.62 1.82
N VAL A 360 4.90 -18.58 2.77
CA VAL A 360 5.50 -19.78 3.33
C VAL A 360 5.68 -19.48 4.82
N TYR A 361 5.51 -20.51 5.65
CA TYR A 361 5.63 -20.36 7.10
C TYR A 361 4.52 -19.47 7.66
N GLY A 362 3.57 -19.12 6.80
CA GLY A 362 2.46 -18.29 7.21
C GLY A 362 2.65 -16.79 7.07
N ASP A 363 3.85 -16.29 7.37
CA ASP A 363 4.08 -14.87 7.29
C ASP A 363 5.32 -14.42 6.52
N LYS A 364 5.91 -15.33 5.75
CA LYS A 364 7.08 -14.99 4.94
C LYS A 364 6.58 -14.97 3.50
N CYS A 365 7.14 -14.10 2.67
CA CYS A 365 6.70 -13.96 1.30
C CYS A 365 7.76 -14.20 0.23
N LEU A 366 7.37 -14.82 -0.87
CA LEU A 366 8.30 -15.02 -1.98
C LEU A 366 8.56 -13.57 -2.39
N ASP A 367 9.83 -13.21 -2.44
CA ASP A 367 10.23 -11.82 -2.67
C ASP A 367 11.31 -11.62 -3.72
N ALA A 368 11.12 -10.64 -4.61
CA ALA A 368 12.12 -10.32 -5.62
C ALA A 368 12.97 -9.19 -5.04
N ALA A 369 14.28 -9.39 -4.97
CA ALA A 369 15.20 -8.41 -4.41
C ALA A 369 15.54 -7.26 -5.35
N GLY A 370 14.88 -7.22 -6.50
CA GLY A 370 15.14 -6.18 -7.48
C GLY A 370 14.19 -6.33 -8.66
N THR A 371 14.50 -5.70 -9.78
CA THR A 371 13.61 -5.77 -10.95
C THR A 371 14.15 -6.32 -12.27
N GLY A 372 15.47 -6.43 -12.42
CA GLY A 372 16.01 -6.93 -13.68
C GLY A 372 16.38 -8.39 -13.74
N ASN A 373 16.85 -8.83 -14.91
CA ASN A 373 17.27 -10.22 -15.09
C ASN A 373 18.35 -10.56 -14.07
N GLY A 374 18.27 -11.75 -13.50
CA GLY A 374 19.26 -12.16 -12.53
C GLY A 374 18.91 -11.82 -11.10
N THR A 375 17.83 -11.07 -10.92
CA THR A 375 17.39 -10.69 -9.58
C THR A 375 17.12 -11.94 -8.74
N LYS A 376 17.64 -11.92 -7.53
CA LYS A 376 17.47 -13.01 -6.59
C LYS A 376 16.02 -13.11 -6.08
N VAL A 377 15.46 -14.31 -6.09
CA VAL A 377 14.12 -14.52 -5.57
C VAL A 377 14.37 -15.20 -4.23
N GLN A 378 13.78 -14.64 -3.18
CA GLN A 378 14.02 -15.10 -1.82
C GLN A 378 12.76 -15.02 -0.97
N ILE A 379 12.93 -15.14 0.33
CA ILE A 379 11.82 -14.98 1.26
C ILE A 379 12.14 -13.73 2.07
N TYR A 380 11.09 -12.99 2.42
CA TYR A 380 11.22 -11.75 3.19
C TYR A 380 9.86 -11.59 3.87
N SER A 381 9.83 -11.07 5.09
CA SER A 381 8.54 -10.90 5.76
C SER A 381 7.57 -10.16 4.86
N CYS A 382 6.32 -10.61 4.85
CA CYS A 382 5.30 -10.01 4.01
C CYS A 382 4.93 -8.60 4.44
N TRP A 383 4.86 -7.68 3.48
CA TRP A 383 4.50 -6.30 3.78
C TRP A 383 3.60 -5.65 2.72
N GLY A 384 3.36 -6.36 1.62
CA GLY A 384 2.50 -5.81 0.59
C GLY A 384 3.13 -5.18 -0.64
N GLY A 385 4.45 -5.23 -0.75
CA GLY A 385 5.10 -4.64 -1.92
C GLY A 385 4.80 -5.41 -3.19
N ASP A 386 4.85 -4.74 -4.34
CA ASP A 386 4.56 -5.42 -5.60
C ASP A 386 5.65 -6.42 -5.98
N ASN A 387 6.80 -6.32 -5.30
CA ASN A 387 7.89 -7.25 -5.57
C ASN A 387 7.63 -8.54 -4.78
N GLN A 388 6.49 -8.59 -4.10
CA GLN A 388 6.08 -9.77 -3.34
C GLN A 388 4.75 -10.27 -3.91
N LYS A 389 4.36 -9.74 -5.06
CA LYS A 389 3.11 -10.17 -5.69
C LYS A 389 3.41 -10.89 -6.99
N TRP A 390 2.64 -11.92 -7.27
CA TRP A 390 2.87 -12.75 -8.44
C TRP A 390 1.60 -13.11 -9.18
N ARG A 391 1.73 -13.31 -10.50
CA ARG A 391 0.60 -13.68 -11.32
C ARG A 391 0.83 -15.11 -11.80
N LEU A 392 -0.14 -15.98 -11.55
CA LEU A 392 -0.04 -17.38 -11.95
C LEU A 392 -0.70 -17.55 -13.31
N ASN A 393 0.11 -17.47 -14.36
CA ASN A 393 -0.40 -17.60 -15.71
C ASN A 393 -0.84 -19.00 -16.08
N SER A 394 -1.77 -19.08 -17.03
CA SER A 394 -2.30 -20.35 -17.49
C SER A 394 -1.24 -21.26 -18.11
N ASP A 395 -0.21 -20.67 -18.70
CA ASP A 395 0.84 -21.46 -19.32
C ASP A 395 1.84 -22.05 -18.32
N GLY A 396 1.57 -21.86 -17.03
CA GLY A 396 2.45 -22.40 -16.02
C GLY A 396 3.51 -21.47 -15.50
N SER A 397 3.68 -20.32 -16.13
CA SER A 397 4.69 -19.37 -15.68
C SER A 397 4.17 -18.56 -14.50
N ILE A 398 5.09 -18.04 -13.69
CA ILE A 398 4.76 -17.21 -12.53
C ILE A 398 5.51 -15.91 -12.72
N VAL A 399 4.76 -14.84 -12.95
CA VAL A 399 5.33 -13.53 -13.21
C VAL A 399 5.23 -12.55 -12.04
N GLY A 400 6.33 -11.84 -11.77
CA GLY A 400 6.33 -10.87 -10.70
C GLY A 400 5.59 -9.62 -11.16
N VAL A 401 4.70 -9.12 -10.31
CA VAL A 401 3.92 -7.95 -10.65
C VAL A 401 4.77 -6.70 -10.90
N GLN A 402 5.68 -6.40 -9.98
CA GLN A 402 6.52 -5.22 -10.13
C GLN A 402 7.50 -5.30 -11.30
N SER A 403 8.14 -6.45 -11.46
CA SER A 403 9.15 -6.65 -12.50
C SER A 403 8.66 -7.06 -13.89
N GLY A 404 7.56 -7.79 -13.93
CA GLY A 404 7.06 -8.27 -15.21
C GLY A 404 7.93 -9.41 -15.69
N LEU A 405 8.78 -9.92 -14.79
CA LEU A 405 9.69 -11.02 -15.11
C LEU A 405 9.23 -12.34 -14.50
N CYS A 406 9.66 -13.44 -15.11
CA CYS A 406 9.28 -14.79 -14.68
C CYS A 406 10.18 -15.46 -13.66
N LEU A 407 9.60 -16.32 -12.82
CA LEU A 407 10.40 -17.08 -11.87
C LEU A 407 11.21 -17.98 -12.80
N ASP A 408 12.50 -18.06 -12.57
CA ASP A 408 13.38 -18.81 -13.46
C ASP A 408 14.45 -19.58 -12.70
N ALA A 409 14.59 -20.87 -13.00
CA ALA A 409 15.61 -21.70 -12.37
C ALA A 409 16.90 -21.36 -13.10
N VAL A 410 17.83 -20.71 -12.39
CA VAL A 410 19.09 -20.26 -12.98
C VAL A 410 19.80 -21.19 -13.95
N GLY A 411 20.03 -20.68 -15.16
CA GLY A 411 20.72 -21.43 -16.19
C GLY A 411 20.05 -22.71 -16.66
N GLY A 412 18.78 -22.88 -16.31
CA GLY A 412 18.07 -24.08 -16.70
C GLY A 412 18.48 -25.25 -15.83
N GLY A 413 19.12 -24.96 -14.72
CA GLY A 413 19.55 -26.02 -13.82
C GLY A 413 18.37 -26.83 -13.34
N THR A 414 18.58 -28.13 -13.10
CA THR A 414 17.50 -29.00 -12.64
C THR A 414 17.82 -29.73 -11.35
N ALA A 415 19.09 -29.73 -10.96
CA ALA A 415 19.53 -30.41 -9.75
C ALA A 415 19.18 -29.69 -8.46
N ASN A 416 19.22 -30.43 -7.35
CA ASN A 416 18.95 -29.83 -6.04
C ASN A 416 19.94 -28.69 -5.86
N GLY A 417 19.46 -27.57 -5.30
CA GLY A 417 20.34 -26.45 -5.08
C GLY A 417 20.33 -25.39 -6.17
N THR A 418 19.66 -25.68 -7.28
CA THR A 418 19.56 -24.72 -8.36
C THR A 418 18.81 -23.53 -7.79
N LEU A 419 19.39 -22.33 -7.89
CA LEU A 419 18.77 -21.13 -7.36
C LEU A 419 17.67 -20.57 -8.25
N ILE A 420 16.78 -19.78 -7.66
CA ILE A 420 15.67 -19.18 -8.39
C ILE A 420 15.91 -17.68 -8.55
N GLN A 421 15.70 -17.18 -9.76
CA GLN A 421 15.91 -15.78 -10.06
C GLN A 421 14.76 -15.25 -10.92
N LEU A 422 14.83 -13.97 -11.25
CA LEU A 422 13.85 -13.34 -12.13
C LEU A 422 14.50 -13.31 -13.50
N TYR A 423 13.73 -13.56 -14.55
CA TYR A 423 14.30 -13.52 -15.89
C TYR A 423 13.18 -13.32 -16.91
N SER A 424 13.49 -12.59 -17.99
CA SER A 424 12.52 -12.35 -19.03
C SER A 424 11.83 -13.67 -19.37
N CYS A 425 10.49 -13.64 -19.41
CA CYS A 425 9.72 -14.83 -19.70
C CYS A 425 10.09 -15.39 -21.07
N SER A 426 10.25 -16.71 -21.13
CA SER A 426 10.65 -17.39 -22.36
C SER A 426 9.84 -18.62 -22.72
N ASN A 427 8.90 -18.99 -21.85
CA ASN A 427 8.07 -20.18 -22.07
C ASN A 427 8.94 -21.43 -21.90
N GLY A 428 10.14 -21.26 -21.35
CA GLY A 428 11.03 -22.38 -21.13
C GLY A 428 10.57 -23.28 -20.00
N SER A 429 11.06 -24.51 -19.99
CA SER A 429 10.67 -25.47 -18.95
C SER A 429 11.17 -25.10 -17.56
N ASN A 430 12.18 -24.25 -17.50
CA ASN A 430 12.74 -23.81 -16.22
C ASN A 430 11.99 -22.59 -15.69
N GLN A 431 10.90 -22.27 -16.36
CA GLN A 431 10.03 -21.15 -15.99
C GLN A 431 8.58 -21.62 -15.87
N ARG A 432 8.36 -22.93 -16.03
CA ARG A 432 7.02 -23.49 -15.93
C ARG A 432 6.87 -24.24 -14.62
N TRP A 433 5.72 -24.07 -13.98
CA TRP A 433 5.47 -24.71 -12.71
C TRP A 433 4.07 -25.29 -12.62
N THR A 434 3.92 -26.35 -11.83
CA THR A 434 2.63 -26.99 -11.63
C THR A 434 2.38 -27.05 -10.13
N ARG A 435 1.13 -26.84 -9.72
CA ARG A 435 0.79 -26.88 -8.30
C ARG A 435 -0.26 -27.92 -7.99
N THR A 436 -0.16 -28.51 -6.79
CA THR A 436 -1.09 -29.53 -6.33
C THR A 436 -0.97 -29.66 -4.82
N ALA B 1 8.80 8.82 30.71
CA ALA B 1 8.50 7.49 31.30
C ALA B 1 8.75 6.39 30.27
N GLU B 2 7.70 5.66 29.90
CA GLU B 2 7.84 4.59 28.93
C GLU B 2 6.75 4.60 27.87
N SER B 3 6.20 5.78 27.61
CA SER B 3 5.14 5.92 26.62
C SER B 3 5.58 6.53 25.28
N THR B 4 6.83 6.99 25.23
CA THR B 4 7.38 7.57 24.00
C THR B 4 8.73 6.93 23.71
N LEU B 5 9.13 6.92 22.44
CA LEU B 5 10.38 6.30 22.05
C LEU B 5 11.62 6.88 22.73
N GLY B 6 11.74 8.21 22.73
CA GLY B 6 12.89 8.84 23.35
C GLY B 6 13.01 8.55 24.83
N ALA B 7 11.90 8.67 25.55
CA ALA B 7 11.91 8.42 26.99
C ALA B 7 12.20 6.95 27.30
N ALA B 8 11.72 6.06 26.46
CA ALA B 8 11.96 4.62 26.66
C ALA B 8 13.44 4.34 26.43
N ALA B 9 14.01 4.94 25.38
CA ALA B 9 15.42 4.74 25.09
C ALA B 9 16.27 5.28 26.26
N ALA B 10 15.81 6.37 26.86
CA ALA B 10 16.52 6.98 27.98
C ALA B 10 16.61 6.05 29.19
N GLN B 11 15.71 5.06 29.25
CA GLN B 11 15.74 4.10 30.35
C GLN B 11 16.97 3.20 30.27
N SER B 12 17.70 3.27 29.15
CA SER B 12 18.92 2.47 29.02
C SER B 12 20.08 3.41 28.72
N GLY B 13 19.87 4.70 28.96
CA GLY B 13 20.91 5.69 28.73
C GLY B 13 21.14 6.02 27.28
N ARG B 14 20.17 5.69 26.44
CA ARG B 14 20.26 5.93 25.01
C ARG B 14 19.25 6.94 24.52
N TYR B 15 19.37 7.31 23.26
CA TYR B 15 18.44 8.25 22.66
C TYR B 15 17.70 7.57 21.51
N PHE B 16 16.61 8.19 21.07
CA PHE B 16 15.88 7.69 19.92
C PHE B 16 15.58 8.95 19.13
N GLY B 17 16.18 9.05 17.96
CA GLY B 17 16.01 10.24 17.15
C GLY B 17 15.35 10.07 15.81
N THR B 18 15.27 11.17 15.08
CA THR B 18 14.68 11.16 13.75
C THR B 18 15.39 12.20 12.91
N ALA B 19 15.08 12.18 11.62
CA ALA B 19 15.63 13.14 10.68
C ALA B 19 14.53 14.19 10.56
N ILE B 20 14.91 15.46 10.66
CA ILE B 20 13.94 16.54 10.56
C ILE B 20 14.18 17.33 9.28
N ALA B 21 13.09 17.63 8.56
CA ALA B 21 13.17 18.41 7.34
C ALA B 21 12.64 19.80 7.66
N SER B 22 13.46 20.82 7.46
CA SER B 22 13.07 22.19 7.75
C SER B 22 11.76 22.61 7.09
N GLY B 23 11.56 22.16 5.85
CA GLY B 23 10.35 22.53 5.12
C GLY B 23 9.06 21.93 5.65
N LYS B 24 9.18 20.98 6.58
CA LYS B 24 8.01 20.32 7.16
C LYS B 24 7.67 20.81 8.57
N LEU B 25 8.49 21.73 9.09
CA LEU B 25 8.27 22.24 10.44
C LEU B 25 7.02 23.11 10.60
N GLY B 26 6.37 23.42 9.48
CA GLY B 26 5.15 24.19 9.53
C GLY B 26 3.92 23.28 9.54
N ASP B 27 4.18 21.98 9.49
CA ASP B 27 3.15 20.94 9.51
C ASP B 27 2.90 20.57 10.97
N SER B 28 1.78 21.03 11.52
CA SER B 28 1.45 20.76 12.92
C SER B 28 1.41 19.28 13.31
N ALA B 29 0.91 18.43 12.42
CA ALA B 29 0.84 17.00 12.70
C ALA B 29 2.25 16.44 12.79
N TYR B 30 3.11 16.90 11.88
CA TYR B 30 4.50 16.47 11.81
C TYR B 30 5.25 16.82 13.09
N THR B 31 5.21 18.10 13.47
CA THR B 31 5.92 18.54 14.67
C THR B 31 5.36 17.96 15.96
N THR B 32 4.05 17.72 16.00
CA THR B 32 3.46 17.16 17.21
C THR B 32 4.07 15.78 17.47
N ILE B 33 4.16 14.97 16.43
CA ILE B 33 4.74 13.63 16.57
C ILE B 33 6.24 13.71 16.85
N ALA B 34 6.95 14.49 16.04
CA ALA B 34 8.40 14.62 16.19
C ALA B 34 8.83 15.14 17.55
N SER B 35 8.17 16.17 18.05
CA SER B 35 8.54 16.74 19.33
C SER B 35 8.26 15.77 20.48
N ARG B 36 7.17 15.03 20.36
CA ARG B 36 6.76 14.09 21.39
C ARG B 36 7.60 12.81 21.50
N GLU B 37 7.93 12.22 20.37
CA GLU B 37 8.63 10.95 20.33
C GLU B 37 10.15 10.86 20.32
N PHE B 38 10.83 11.93 19.89
CA PHE B 38 12.28 11.88 19.77
C PHE B 38 13.08 12.84 20.63
N ASN B 39 14.25 12.42 21.10
CA ASN B 39 15.10 13.29 21.90
C ASN B 39 16.44 13.58 21.22
N MET B 40 16.53 13.20 19.94
CA MET B 40 17.71 13.43 19.12
C MET B 40 17.23 13.81 17.73
N VAL B 41 17.88 14.80 17.12
CA VAL B 41 17.51 15.29 15.80
C VAL B 41 18.68 15.38 14.84
N THR B 42 18.45 14.95 13.59
CA THR B 42 19.47 15.07 12.55
C THR B 42 18.80 15.90 11.45
N ALA B 43 19.47 16.91 10.93
CA ALA B 43 18.90 17.70 9.84
C ALA B 43 19.00 16.80 8.62
N GLU B 44 17.90 16.58 7.92
CA GLU B 44 17.93 15.69 6.77
C GLU B 44 18.86 16.18 5.65
N ASN B 45 18.88 17.49 5.40
CA ASN B 45 19.73 18.05 4.33
C ASN B 45 20.34 19.39 4.66
N GLU B 46 19.76 20.08 5.63
CA GLU B 46 20.17 21.43 6.02
C GLU B 46 21.59 21.69 6.50
N MET B 47 22.33 20.66 6.90
CA MET B 47 23.70 20.88 7.35
C MET B 47 24.73 20.26 6.42
N LYS B 48 24.27 19.90 5.23
CA LYS B 48 25.16 19.33 4.23
C LYS B 48 25.98 20.45 3.60
N ILE B 49 26.94 20.09 2.76
CA ILE B 49 27.84 21.08 2.18
C ILE B 49 27.19 22.16 1.32
N ASP B 50 26.31 21.77 0.40
CA ASP B 50 25.69 22.77 -0.45
C ASP B 50 24.80 23.74 0.33
N ALA B 51 24.19 23.26 1.41
CA ALA B 51 23.32 24.10 2.22
C ALA B 51 24.08 25.05 3.17
N THR B 52 25.26 24.64 3.60
CA THR B 52 26.04 25.45 4.54
C THR B 52 27.14 26.32 3.93
N GLU B 53 27.56 26.03 2.70
CA GLU B 53 28.58 26.84 2.04
C GLU B 53 28.26 26.89 0.56
N PRO B 54 27.20 27.65 0.18
CA PRO B 54 26.73 27.81 -1.20
C PRO B 54 27.75 28.36 -2.19
N GLN B 55 28.68 29.16 -1.69
CA GLN B 55 29.76 29.74 -2.50
C GLN B 55 31.02 29.54 -1.68
N ARG B 56 32.16 29.35 -2.34
CA ARG B 56 33.39 29.11 -1.60
C ARG B 56 33.74 30.24 -0.63
N GLY B 57 33.81 29.90 0.65
CA GLY B 57 34.14 30.89 1.66
C GLY B 57 32.94 31.63 2.22
N GLN B 58 31.78 31.40 1.63
CA GLN B 58 30.55 32.06 2.07
C GLN B 58 29.65 31.04 2.75
N PHE B 59 29.64 31.07 4.08
CA PHE B 59 28.81 30.13 4.83
C PHE B 59 27.40 30.64 5.02
N ASN B 60 26.46 29.70 5.15
CA ASN B 60 25.06 30.04 5.31
C ASN B 60 24.43 29.03 6.24
N PHE B 61 23.83 29.51 7.33
CA PHE B 61 23.22 28.61 8.29
C PHE B 61 21.73 28.85 8.49
N SER B 62 21.11 29.50 7.50
CA SER B 62 19.68 29.79 7.57
C SER B 62 18.81 28.55 7.61
N ALA B 63 19.23 27.50 6.90
CA ALA B 63 18.46 26.26 6.87
C ALA B 63 18.80 25.40 8.09
N GLY B 64 20.10 25.24 8.34
CA GLY B 64 20.54 24.44 9.46
C GLY B 64 20.07 24.95 10.80
N ASP B 65 20.09 26.27 11.01
CA ASP B 65 19.66 26.82 12.29
C ASP B 65 18.17 26.66 12.55
N ARG B 66 17.36 26.59 11.51
CA ARG B 66 15.93 26.40 11.73
C ARG B 66 15.71 25.01 12.33
N VAL B 67 16.47 24.03 11.86
CA VAL B 67 16.33 22.67 12.40
C VAL B 67 16.95 22.65 13.79
N TYR B 68 18.12 23.25 13.93
CA TYR B 68 18.80 23.28 15.23
C TYR B 68 17.94 23.96 16.29
N ASN B 69 17.40 25.13 15.96
CA ASN B 69 16.58 25.87 16.92
C ASN B 69 15.38 25.05 17.36
N TRP B 70 14.72 24.39 16.42
CA TRP B 70 13.55 23.58 16.73
C TRP B 70 13.94 22.45 17.68
N ALA B 71 15.08 21.82 17.41
CA ALA B 71 15.55 20.72 18.24
C ALA B 71 15.79 21.15 19.68
N VAL B 72 16.59 22.20 19.87
CA VAL B 72 16.89 22.65 21.22
C VAL B 72 15.67 23.22 21.95
N GLN B 73 14.81 23.91 21.21
CA GLN B 73 13.60 24.48 21.81
C GLN B 73 12.72 23.36 22.36
N ASN B 74 12.84 22.17 21.78
CA ASN B 74 12.04 21.04 22.20
C ASN B 74 12.81 19.95 22.94
N GLY B 75 13.92 20.33 23.54
CA GLY B 75 14.72 19.41 24.34
C GLY B 75 15.48 18.28 23.67
N LYS B 76 15.81 18.43 22.39
CA LYS B 76 16.55 17.39 21.70
C LYS B 76 18.00 17.77 21.45
N GLN B 77 18.87 16.78 21.41
CA GLN B 77 20.26 17.00 21.09
C GLN B 77 20.31 16.91 19.57
N VAL B 78 21.46 17.22 18.98
CA VAL B 78 21.58 17.21 17.53
C VAL B 78 22.78 16.45 16.98
N ARG B 79 22.57 15.73 15.87
CA ARG B 79 23.64 15.03 15.18
C ARG B 79 23.89 15.87 13.93
N GLY B 80 25.11 16.39 13.79
CA GLY B 80 25.47 17.18 12.61
C GLY B 80 25.66 16.21 11.44
N HIS B 81 25.21 16.62 10.26
CA HIS B 81 25.23 15.76 9.09
C HIS B 81 25.26 16.66 7.84
N THR B 82 26.28 16.62 6.96
CA THR B 82 27.50 15.80 6.99
C THR B 82 28.60 16.77 6.51
N LEU B 83 29.78 16.72 7.14
CA LEU B 83 30.86 17.66 6.81
C LEU B 83 31.67 17.45 5.55
N ALA B 84 31.97 16.20 5.20
CA ALA B 84 32.78 15.93 4.02
C ALA B 84 32.38 14.63 3.36
N TRP B 85 31.83 14.72 2.15
CA TRP B 85 31.45 13.55 1.40
C TRP B 85 31.29 13.89 -0.09
N HIS B 86 31.16 12.87 -0.91
CA HIS B 86 31.08 13.05 -2.36
C HIS B 86 29.78 13.57 -2.95
N SER B 87 28.67 13.33 -2.26
CA SER B 87 27.37 13.72 -2.77
C SER B 87 26.83 15.08 -2.35
N GLN B 88 25.93 15.63 -3.17
CA GLN B 88 25.30 16.91 -2.92
C GLN B 88 26.28 18.06 -2.70
N GLN B 89 27.43 17.99 -3.36
CA GLN B 89 28.41 19.06 -3.23
C GLN B 89 27.96 20.24 -4.07
N PRO B 90 28.20 21.47 -3.58
CA PRO B 90 27.80 22.63 -4.40
C PRO B 90 28.65 22.62 -5.65
N GLY B 91 28.16 23.22 -6.73
CA GLY B 91 28.91 23.24 -7.97
C GLY B 91 30.37 23.68 -7.84
N TRP B 92 30.62 24.72 -7.05
CA TRP B 92 31.98 25.22 -6.89
C TRP B 92 32.95 24.19 -6.32
N MET B 93 32.45 23.27 -5.52
CA MET B 93 33.31 22.23 -4.93
C MET B 93 33.46 21.06 -5.88
N GLN B 94 32.42 20.78 -6.68
CA GLN B 94 32.51 19.69 -7.64
C GLN B 94 33.59 20.00 -8.65
N SER B 95 33.84 21.29 -8.86
CA SER B 95 34.85 21.74 -9.82
C SER B 95 36.27 21.65 -9.27
N LEU B 96 36.41 21.32 -7.99
CA LEU B 96 37.74 21.24 -7.38
C LEU B 96 38.35 19.86 -7.34
N SER B 97 39.67 19.82 -7.34
CA SER B 97 40.43 18.58 -7.27
C SER B 97 41.78 18.87 -6.64
N GLY B 98 42.50 17.80 -6.30
CA GLY B 98 43.82 17.94 -5.70
C GLY B 98 43.88 18.77 -4.44
N SER B 99 45.02 19.44 -4.26
CA SER B 99 45.25 20.26 -3.08
C SER B 99 44.21 21.36 -2.86
N THR B 100 43.68 21.90 -3.96
CA THR B 100 42.69 22.96 -3.86
C THR B 100 41.42 22.42 -3.21
N LEU B 101 41.04 21.20 -3.59
CA LEU B 101 39.85 20.57 -3.03
C LEU B 101 40.15 20.21 -1.57
N ARG B 102 41.35 19.69 -1.33
CA ARG B 102 41.74 19.30 0.02
C ARG B 102 41.61 20.46 1.00
N GLN B 103 42.09 21.64 0.62
CA GLN B 103 42.00 22.77 1.54
C GLN B 103 40.56 23.27 1.65
N ALA B 104 39.79 23.17 0.57
CA ALA B 104 38.39 23.61 0.62
C ALA B 104 37.63 22.69 1.58
N MET B 105 37.99 21.41 1.59
CA MET B 105 37.33 20.44 2.48
C MET B 105 37.63 20.85 3.92
N ILE B 106 38.88 21.17 4.19
CA ILE B 106 39.30 21.60 5.52
C ILE B 106 38.60 22.89 5.93
N ASP B 107 38.59 23.88 5.03
CA ASP B 107 37.95 25.16 5.31
C ASP B 107 36.46 24.96 5.61
N HIS B 108 35.83 24.06 4.88
CA HIS B 108 34.40 23.83 5.09
C HIS B 108 34.14 23.26 6.48
N ILE B 109 34.94 22.27 6.87
CA ILE B 109 34.80 21.66 8.19
C ILE B 109 34.95 22.72 9.28
N ASN B 110 35.97 23.57 9.14
CA ASN B 110 36.20 24.62 10.13
C ASN B 110 35.07 25.62 10.22
N GLY B 111 34.53 26.03 9.07
CA GLY B 111 33.45 27.00 9.08
C GLY B 111 32.16 26.50 9.69
N VAL B 112 31.75 25.30 9.31
CA VAL B 112 30.52 24.73 9.83
C VAL B 112 30.61 24.34 11.30
N MET B 113 31.68 23.64 11.67
CA MET B 113 31.84 23.23 13.06
C MET B 113 32.02 24.45 13.96
N GLY B 114 32.63 25.51 13.42
CA GLY B 114 32.83 26.71 14.21
C GLY B 114 31.51 27.35 14.59
N HIS B 115 30.59 27.39 13.64
CA HIS B 115 29.28 27.98 13.87
C HIS B 115 28.51 27.22 14.95
N TYR B 116 28.64 25.89 14.93
CA TYR B 116 27.93 25.04 15.89
C TYR B 116 28.80 24.53 17.01
N LYS B 117 29.95 25.16 17.24
CA LYS B 117 30.87 24.71 18.28
C LYS B 117 30.25 24.51 19.64
N GLY B 118 30.42 23.30 20.18
CA GLY B 118 29.89 22.97 21.50
C GLY B 118 28.39 22.72 21.57
N LYS B 119 27.72 22.72 20.43
CA LYS B 119 26.27 22.52 20.43
C LYS B 119 25.85 21.22 19.76
N ILE B 120 26.81 20.45 19.27
CA ILE B 120 26.52 19.20 18.56
C ILE B 120 27.03 17.94 19.27
N ALA B 121 26.12 17.00 19.52
CA ALA B 121 26.49 15.76 20.19
C ALA B 121 27.41 14.88 19.37
N GLN B 122 27.06 14.71 18.09
CA GLN B 122 27.83 13.89 17.17
C GLN B 122 27.86 14.54 15.80
N TRP B 123 28.99 14.42 15.09
CA TRP B 123 29.09 14.93 13.73
C TRP B 123 29.41 13.78 12.80
N ASP B 124 28.67 13.66 11.70
CA ASP B 124 29.04 12.65 10.71
C ASP B 124 30.09 13.47 9.95
N VAL B 125 31.36 13.26 10.28
CA VAL B 125 32.44 14.01 9.65
C VAL B 125 32.59 13.61 8.19
N VAL B 126 32.61 12.30 7.95
CA VAL B 126 32.73 11.77 6.60
C VAL B 126 31.66 10.70 6.47
N SER B 127 31.10 10.57 5.27
CA SER B 127 30.05 9.58 5.02
C SER B 127 30.16 9.05 3.60
N HIS B 128 29.59 7.87 3.37
CA HIS B 128 29.56 7.25 2.04
C HIS B 128 30.93 7.11 1.35
N ALA B 129 32.00 6.94 2.10
CA ALA B 129 33.33 6.86 1.51
C ALA B 129 33.77 5.54 0.90
N PHE B 130 33.04 4.46 1.19
CA PHE B 130 33.42 3.17 0.64
C PHE B 130 32.56 2.72 -0.52
N SER B 131 33.16 1.91 -1.39
CA SER B 131 32.50 1.41 -2.58
C SER B 131 31.55 0.24 -2.33
N ASP B 132 30.61 0.05 -3.24
CA ASP B 132 29.65 -1.05 -3.16
C ASP B 132 30.07 -2.16 -4.13
N ASP B 133 31.20 -1.96 -4.81
CA ASP B 133 31.65 -2.94 -5.81
C ASP B 133 32.17 -4.28 -5.29
N GLY B 134 32.16 -4.48 -3.97
CA GLY B 134 32.62 -5.74 -3.41
C GLY B 134 34.11 -5.86 -3.15
N SER B 135 34.86 -4.81 -3.49
CA SER B 135 36.31 -4.82 -3.30
C SER B 135 36.70 -4.43 -1.87
N GLY B 136 35.78 -3.80 -1.16
CA GLY B 136 36.06 -3.38 0.20
C GLY B 136 36.92 -2.12 0.21
N GLY B 137 37.07 -1.51 -0.96
CA GLY B 137 37.89 -0.31 -1.07
C GLY B 137 37.11 1.00 -1.06
N ARG B 138 37.80 2.10 -1.33
CA ARG B 138 37.20 3.43 -1.35
C ARG B 138 36.41 3.77 -2.62
N ARG B 139 35.34 4.54 -2.43
CA ARG B 139 34.51 5.00 -3.53
C ARG B 139 35.34 6.03 -4.30
N ASP B 140 35.23 6.05 -5.62
CA ASP B 140 35.97 7.02 -6.41
C ASP B 140 35.20 8.34 -6.37
N SER B 141 35.87 9.41 -5.97
CA SER B 141 35.25 10.72 -5.90
C SER B 141 36.37 11.73 -5.93
N ASN B 142 36.03 13.00 -6.14
CA ASN B 142 37.08 14.01 -6.16
C ASN B 142 37.83 14.04 -4.83
N LEU B 143 37.12 13.79 -3.72
CA LEU B 143 37.75 13.76 -2.42
C LEU B 143 38.77 12.63 -2.30
N GLN B 144 38.39 11.43 -2.72
CA GLN B 144 39.31 10.29 -2.65
C GLN B 144 40.52 10.53 -3.57
N ARG B 145 40.30 11.21 -4.69
CA ARG B 145 41.39 11.49 -5.61
C ARG B 145 42.42 12.50 -5.08
N THR B 146 42.10 13.16 -3.96
CA THR B 146 43.05 14.11 -3.37
C THR B 146 44.11 13.34 -2.58
N GLY B 147 43.80 12.08 -2.27
CA GLY B 147 44.72 11.25 -1.51
C GLY B 147 43.94 10.39 -0.55
N ASN B 148 44.38 9.16 -0.35
CA ASN B 148 43.70 8.23 0.54
C ASN B 148 43.57 8.76 1.96
N ASP B 149 44.46 9.70 2.32
CA ASP B 149 44.47 10.27 3.66
C ASP B 149 43.41 11.35 3.89
N TRP B 150 42.54 11.61 2.92
CA TRP B 150 41.54 12.66 3.09
C TRP B 150 40.61 12.46 4.28
N ILE B 151 40.23 11.22 4.55
CA ILE B 151 39.34 10.95 5.66
C ILE B 151 40.04 11.26 6.98
N GLU B 152 41.28 10.78 7.11
CA GLU B 152 42.06 11.04 8.31
C GLU B 152 42.18 12.54 8.55
N VAL B 153 42.50 13.28 7.50
CA VAL B 153 42.65 14.73 7.60
C VAL B 153 41.34 15.39 8.03
N ALA B 154 40.22 14.89 7.49
CA ALA B 154 38.93 15.45 7.85
C ALA B 154 38.67 15.30 9.35
N PHE B 155 39.00 14.12 9.88
CA PHE B 155 38.80 13.87 11.31
C PHE B 155 39.74 14.69 12.18
N ARG B 156 40.99 14.82 11.77
CA ARG B 156 41.93 15.60 12.55
C ARG B 156 41.48 17.06 12.57
N THR B 157 40.97 17.52 11.44
CA THR B 157 40.48 18.91 11.34
C THR B 157 39.28 19.10 12.26
N ALA B 158 38.36 18.15 12.22
CA ALA B 158 37.15 18.20 13.02
C ALA B 158 37.43 18.20 14.52
N ARG B 159 38.39 17.39 14.96
CA ARG B 159 38.71 17.34 16.38
C ARG B 159 39.17 18.71 16.89
N ALA B 160 40.03 19.36 16.12
CA ALA B 160 40.54 20.67 16.51
C ALA B 160 39.46 21.75 16.47
N ALA B 161 38.55 21.66 15.50
CA ALA B 161 37.47 22.63 15.35
C ALA B 161 36.48 22.62 16.50
N ASP B 162 36.18 21.43 17.02
CA ASP B 162 35.25 21.29 18.14
C ASP B 162 35.54 20.02 18.92
N PRO B 163 36.42 20.11 19.93
CA PRO B 163 36.79 18.96 20.76
C PRO B 163 35.64 18.33 21.54
N ALA B 164 34.54 19.06 21.69
CA ALA B 164 33.39 18.56 22.44
C ALA B 164 32.46 17.63 21.67
N ALA B 165 32.57 17.62 20.35
CA ALA B 165 31.70 16.75 19.56
C ALA B 165 32.28 15.37 19.33
N LYS B 166 31.42 14.35 19.31
CA LYS B 166 31.88 13.00 19.01
C LYS B 166 31.95 12.97 17.49
N LEU B 167 33.06 12.46 16.97
CA LEU B 167 33.26 12.40 15.52
C LEU B 167 32.98 11.02 14.97
N CYS B 168 32.01 10.94 14.07
CA CYS B 168 31.63 9.66 13.49
C CYS B 168 31.91 9.53 12.01
N TYR B 169 32.17 8.28 11.60
CA TYR B 169 32.34 7.94 10.20
C TYR B 169 31.00 7.24 9.95
N ASN B 170 30.27 7.67 8.92
CA ASN B 170 28.94 7.13 8.62
C ASN B 170 28.87 6.46 7.24
N ASP B 171 28.18 5.34 7.15
CA ASP B 171 28.04 4.66 5.85
C ASP B 171 26.89 3.68 5.85
N TYR B 172 26.53 3.20 4.66
CA TYR B 172 25.44 2.23 4.52
C TYR B 172 25.99 0.91 3.97
N ASN B 173 25.18 -0.14 4.09
CA ASN B 173 25.56 -1.47 3.65
C ASN B 173 26.83 -1.94 4.35
N ILE B 174 26.96 -1.56 5.62
CA ILE B 174 28.10 -1.96 6.44
C ILE B 174 27.55 -2.61 7.71
N GLU B 175 26.32 -3.09 7.63
CA GLU B 175 25.67 -3.72 8.77
C GLU B 175 25.89 -5.24 8.79
N ASN B 176 25.94 -5.86 7.62
CA ASN B 176 26.14 -7.30 7.54
C ASN B 176 27.64 -7.56 7.62
N TRP B 177 28.06 -8.28 8.66
CA TRP B 177 29.48 -8.53 8.85
C TRP B 177 30.22 -9.19 7.68
N THR B 178 29.53 -10.06 6.95
CA THR B 178 30.17 -10.77 5.84
C THR B 178 30.53 -9.93 4.63
N TRP B 179 30.00 -8.71 4.53
CA TRP B 179 30.27 -7.88 3.36
C TRP B 179 31.64 -7.23 3.36
N ALA B 180 32.26 -7.19 2.18
CA ALA B 180 33.58 -6.60 2.04
C ALA B 180 33.62 -5.14 2.49
N LYS B 181 32.53 -4.42 2.22
CA LYS B 181 32.43 -3.01 2.58
C LYS B 181 32.53 -2.83 4.09
N THR B 182 31.80 -3.67 4.81
CA THR B 182 31.79 -3.64 6.27
C THR B 182 33.20 -3.82 6.82
N GLN B 183 33.91 -4.80 6.30
CA GLN B 183 35.26 -5.11 6.76
C GLN B 183 36.27 -4.04 6.32
N GLY B 184 36.00 -3.39 5.19
CA GLY B 184 36.89 -2.33 4.74
C GLY B 184 36.79 -1.17 5.70
N VAL B 185 35.57 -0.85 6.13
CA VAL B 185 35.38 0.25 7.07
C VAL B 185 36.01 -0.13 8.42
N TYR B 186 35.85 -1.39 8.81
CA TYR B 186 36.43 -1.86 10.07
C TYR B 186 37.95 -1.66 10.04
N ASN B 187 38.59 -2.05 8.95
CA ASN B 187 40.03 -1.91 8.85
C ASN B 187 40.49 -0.47 8.94
N MET B 188 39.72 0.44 8.35
CA MET B 188 40.07 1.86 8.40
C MET B 188 39.99 2.38 9.82
N VAL B 189 38.88 2.08 10.51
CA VAL B 189 38.70 2.54 11.87
C VAL B 189 39.78 1.94 12.76
N ARG B 190 40.11 0.68 12.53
CA ARG B 190 41.14 0.01 13.32
C ARG B 190 42.47 0.74 13.13
N ASP B 191 42.79 1.07 11.89
CA ASP B 191 44.02 1.78 11.56
C ASP B 191 44.03 3.15 12.23
N PHE B 192 42.91 3.86 12.15
CA PHE B 192 42.79 5.17 12.77
C PHE B 192 43.06 5.10 14.28
N LYS B 193 42.41 4.17 14.97
CA LYS B 193 42.60 4.05 16.41
C LYS B 193 44.05 3.66 16.74
N GLN B 194 44.65 2.82 15.91
CA GLN B 194 46.02 2.38 16.15
C GLN B 194 47.03 3.54 16.02
N ARG B 195 46.77 4.45 15.08
CA ARG B 195 47.67 5.58 14.85
C ARG B 195 47.26 6.87 15.56
N GLY B 196 46.20 6.81 16.36
CA GLY B 196 45.77 7.99 17.08
C GLY B 196 44.93 9.00 16.33
N VAL B 197 44.41 8.60 15.16
CA VAL B 197 43.57 9.50 14.38
C VAL B 197 42.29 9.66 15.20
N PRO B 198 41.85 10.90 15.43
CA PRO B 198 40.63 11.12 16.22
C PRO B 198 39.32 10.69 15.58
N ILE B 199 38.76 9.60 16.08
CA ILE B 199 37.47 9.10 15.63
C ILE B 199 36.82 8.50 16.87
N ASP B 200 35.59 8.90 17.14
CA ASP B 200 34.88 8.46 18.33
C ASP B 200 33.71 7.54 18.08
N CYS B 201 33.25 7.46 16.85
CA CYS B 201 32.09 6.64 16.56
C CYS B 201 31.96 6.24 15.11
N VAL B 202 31.20 5.18 14.88
CA VAL B 202 30.90 4.71 13.54
C VAL B 202 29.39 4.68 13.45
N GLY B 203 28.87 5.30 12.40
CA GLY B 203 27.44 5.34 12.20
C GLY B 203 27.01 4.33 11.14
N PHE B 204 26.02 3.51 11.49
CA PHE B 204 25.50 2.51 10.58
C PHE B 204 24.14 3.04 10.12
N GLN B 205 24.08 3.50 8.88
CA GLN B 205 22.86 4.09 8.35
C GLN B 205 21.65 3.17 8.50
N SER B 206 21.85 1.88 8.29
CA SER B 206 20.80 0.90 8.46
C SER B 206 19.57 1.10 7.56
N HIS B 207 19.79 1.30 6.27
CA HIS B 207 18.71 1.43 5.31
C HIS B 207 18.43 0.02 4.80
N PHE B 208 17.63 -0.72 5.56
CA PHE B 208 17.33 -2.10 5.23
C PHE B 208 16.16 -2.31 4.27
N ASN B 209 16.33 -3.24 3.34
CA ASN B 209 15.26 -3.60 2.39
C ASN B 209 15.56 -5.01 1.87
N SER B 210 14.70 -5.57 1.02
CA SER B 210 14.96 -6.93 0.58
C SER B 210 16.18 -7.06 -0.32
N GLY B 211 16.70 -5.92 -0.79
CA GLY B 211 17.91 -5.93 -1.61
C GLY B 211 19.13 -6.03 -0.71
N SER B 212 19.06 -5.37 0.44
CA SER B 212 20.12 -5.37 1.45
C SER B 212 19.41 -5.54 2.77
N PRO B 213 18.98 -6.77 3.08
CA PRO B 213 18.26 -7.10 4.31
C PRO B 213 19.04 -7.13 5.60
N TYR B 214 18.35 -6.81 6.69
CA TYR B 214 18.92 -6.87 8.01
C TYR B 214 19.31 -8.32 8.25
N ASN B 215 20.46 -8.53 8.89
CA ASN B 215 20.94 -9.86 9.21
C ASN B 215 21.26 -9.85 10.70
N SER B 216 20.95 -10.93 11.40
CA SER B 216 21.19 -10.98 12.83
C SER B 216 22.68 -10.79 13.17
N ASN B 217 23.57 -10.97 12.20
CA ASN B 217 24.99 -10.79 12.50
C ASN B 217 25.33 -9.31 12.68
N PHE B 218 24.32 -8.45 12.59
CA PHE B 218 24.53 -7.02 12.78
C PHE B 218 25.04 -6.82 14.20
N ARG B 219 24.58 -7.66 15.12
CA ARG B 219 25.04 -7.52 16.50
C ARG B 219 26.54 -7.76 16.58
N THR B 220 27.06 -8.76 15.86
CA THR B 220 28.50 -9.01 15.90
C THR B 220 29.24 -7.87 15.24
N THR B 221 28.63 -7.26 14.23
CA THR B 221 29.26 -6.13 13.55
C THR B 221 29.43 -4.98 14.56
N LEU B 222 28.35 -4.67 15.27
CA LEU B 222 28.38 -3.61 16.26
C LEU B 222 29.41 -3.90 17.34
N GLN B 223 29.45 -5.16 17.81
CA GLN B 223 30.40 -5.57 18.83
C GLN B 223 31.83 -5.45 18.34
N ASN B 224 32.07 -5.87 17.11
CA ASN B 224 33.41 -5.79 16.53
C ASN B 224 33.92 -4.36 16.51
N PHE B 225 33.08 -3.43 16.08
CA PHE B 225 33.49 -2.04 16.04
C PHE B 225 33.67 -1.47 17.44
N ALA B 226 32.77 -1.81 18.35
CA ALA B 226 32.87 -1.31 19.72
C ALA B 226 34.21 -1.73 20.35
N ALA B 227 34.65 -2.94 20.01
CA ALA B 227 35.91 -3.46 20.55
C ALA B 227 37.13 -2.71 20.08
N LEU B 228 36.96 -1.85 19.06
CA LEU B 228 38.08 -1.05 18.56
C LEU B 228 38.23 0.21 19.41
N GLY B 229 37.31 0.42 20.32
CA GLY B 229 37.39 1.60 21.16
C GLY B 229 36.59 2.79 20.67
N VAL B 230 35.54 2.52 19.89
CA VAL B 230 34.68 3.59 19.39
C VAL B 230 33.25 3.29 19.76
N ASP B 231 32.41 4.32 19.80
CA ASP B 231 31.00 4.12 20.08
C ASP B 231 30.38 3.78 18.72
N VAL B 232 29.16 3.24 18.75
CA VAL B 232 28.46 2.93 17.52
C VAL B 232 27.08 3.56 17.60
N ALA B 233 26.49 3.88 16.46
CA ALA B 233 25.16 4.48 16.44
C ALA B 233 24.43 4.05 15.19
N ILE B 234 23.12 3.82 15.32
CA ILE B 234 22.28 3.45 14.19
C ILE B 234 21.78 4.84 13.79
N THR B 235 22.22 5.31 12.63
CA THR B 235 21.94 6.68 12.20
C THR B 235 20.82 7.06 11.24
N GLU B 236 20.40 6.14 10.37
CA GLU B 236 19.37 6.48 9.40
C GLU B 236 18.42 5.32 9.18
N LEU B 237 18.08 4.66 10.27
CA LEU B 237 17.22 3.49 10.21
C LEU B 237 15.87 3.62 9.54
N ASP B 238 15.64 2.73 8.58
CA ASP B 238 14.34 2.57 7.95
C ASP B 238 14.36 1.16 7.39
N ILE B 239 13.21 0.50 7.43
CA ILE B 239 13.10 -0.87 6.99
C ILE B 239 11.95 -1.03 6.02
N GLN B 240 12.26 -1.43 4.79
CA GLN B 240 11.24 -1.62 3.78
C GLN B 240 10.19 -2.58 4.31
N GLY B 241 8.95 -2.11 4.37
CA GLY B 241 7.87 -2.95 4.88
C GLY B 241 7.60 -2.71 6.36
N ALA B 242 8.60 -2.15 7.04
CA ALA B 242 8.49 -1.86 8.46
C ALA B 242 8.07 -3.07 9.30
N SER B 243 8.72 -4.20 9.03
CA SER B 243 8.45 -5.43 9.77
C SER B 243 8.64 -5.18 11.26
N SER B 244 7.66 -5.58 12.07
CA SER B 244 7.76 -5.40 13.51
C SER B 244 8.91 -6.22 14.07
N SER B 245 9.06 -7.44 13.58
CA SER B 245 10.13 -8.32 14.05
C SER B 245 11.51 -7.75 13.74
N THR B 246 11.67 -7.19 12.53
CA THR B 246 12.95 -6.62 12.15
C THR B 246 13.24 -5.35 12.94
N TYR B 247 12.23 -4.52 13.13
CA TYR B 247 12.42 -3.30 13.89
C TYR B 247 12.80 -3.62 15.32
N ALA B 248 12.18 -4.65 15.88
CA ALA B 248 12.47 -5.06 17.25
C ALA B 248 13.87 -5.63 17.33
N ALA B 249 14.25 -6.42 16.32
CA ALA B 249 15.57 -7.04 16.29
C ALA B 249 16.69 -6.01 16.24
N VAL B 250 16.52 -4.99 15.40
CA VAL B 250 17.53 -3.95 15.28
C VAL B 250 17.63 -3.18 16.59
N THR B 251 16.48 -2.91 17.20
CA THR B 251 16.45 -2.19 18.46
C THR B 251 17.16 -3.00 19.54
N ASN B 252 16.92 -4.31 19.57
CA ASN B 252 17.56 -5.16 20.56
C ASN B 252 19.06 -5.30 20.34
N ASP B 253 19.51 -5.15 19.09
CA ASP B 253 20.94 -5.26 18.82
C ASP B 253 21.64 -4.06 19.47
N CYS B 254 21.06 -2.88 19.33
CA CYS B 254 21.66 -1.70 19.94
C CYS B 254 21.62 -1.84 21.46
N LEU B 255 20.50 -2.34 21.98
CA LEU B 255 20.37 -2.51 23.43
C LEU B 255 21.36 -3.52 23.99
N ALA B 256 21.84 -4.42 23.13
CA ALA B 256 22.79 -5.45 23.56
C ALA B 256 24.25 -5.00 23.58
N VAL B 257 24.53 -3.89 22.89
CA VAL B 257 25.90 -3.36 22.81
C VAL B 257 26.00 -2.09 23.66
N SER B 258 26.75 -2.17 24.76
CA SER B 258 26.88 -1.04 25.67
C SER B 258 27.34 0.25 25.02
N ARG B 259 28.14 0.14 23.98
CA ARG B 259 28.66 1.31 23.28
C ARG B 259 27.73 1.86 22.19
N CYS B 260 26.55 1.26 22.03
CA CYS B 260 25.61 1.75 21.04
C CYS B 260 24.88 2.93 21.70
N LEU B 261 25.14 4.13 21.20
CA LEU B 261 24.58 5.35 21.76
C LEU B 261 23.08 5.53 21.60
N GLY B 262 22.54 4.99 20.52
CA GLY B 262 21.12 5.14 20.29
C GLY B 262 20.77 4.88 18.84
N ILE B 263 19.50 5.11 18.51
CA ILE B 263 18.99 4.89 17.18
C ILE B 263 18.23 6.08 16.64
N THR B 264 18.46 6.39 15.38
CA THR B 264 17.75 7.47 14.70
C THR B 264 17.04 6.83 13.51
N VAL B 265 15.73 7.05 13.38
CA VAL B 265 15.00 6.53 12.22
C VAL B 265 15.00 7.68 11.22
N TRP B 266 15.10 7.35 9.93
CA TRP B 266 15.22 8.38 8.90
C TRP B 266 13.92 9.04 8.45
N GLY B 267 13.26 9.71 9.39
CA GLY B 267 12.02 10.39 9.08
C GLY B 267 10.95 10.15 10.12
N VAL B 268 9.88 10.95 10.05
CA VAL B 268 8.79 10.84 11.00
C VAL B 268 7.68 9.93 10.49
N ARG B 269 7.00 10.33 9.42
CA ARG B 269 5.92 9.53 8.84
C ARG B 269 6.38 8.95 7.50
N ASP B 270 5.76 7.85 7.08
CA ASP B 270 6.13 7.23 5.80
C ASP B 270 6.10 8.26 4.66
N THR B 271 5.14 9.18 4.74
CA THR B 271 4.98 10.20 3.71
C THR B 271 6.13 11.21 3.71
N ASP B 272 6.93 11.22 4.78
CA ASP B 272 8.07 12.12 4.89
C ASP B 272 9.34 11.42 4.45
N SER B 273 9.25 10.12 4.24
CA SER B 273 10.42 9.31 3.87
C SER B 273 10.98 9.56 2.47
N TRP B 274 12.30 9.43 2.37
CA TRP B 274 12.98 9.61 1.09
C TRP B 274 12.63 8.39 0.23
N ARG B 275 12.05 7.38 0.86
CA ARG B 275 11.63 6.15 0.19
C ARG B 275 10.24 5.76 0.67
N SER B 276 9.29 6.68 0.51
CA SER B 276 7.91 6.48 0.95
C SER B 276 7.27 5.22 0.37
N GLY B 277 7.71 4.81 -0.82
CA GLY B 277 7.16 3.64 -1.46
C GLY B 277 7.46 2.36 -0.70
N ASP B 278 8.45 2.41 0.18
CA ASP B 278 8.83 1.26 0.99
C ASP B 278 8.17 1.33 2.37
N THR B 279 7.27 2.30 2.57
CA THR B 279 6.58 2.53 3.86
C THR B 279 7.47 1.95 4.96
N PRO B 280 8.70 2.50 5.08
CA PRO B 280 9.72 2.07 6.03
C PRO B 280 9.87 2.68 7.42
N LEU B 281 8.97 3.58 7.80
CA LEU B 281 9.08 4.23 9.10
C LEU B 281 8.09 3.74 10.15
N LEU B 282 8.00 4.43 11.29
CA LEU B 282 7.14 4.00 12.39
C LEU B 282 5.75 4.63 12.46
N PHE B 283 5.53 5.69 11.69
CA PHE B 283 4.23 6.36 11.67
C PHE B 283 3.75 6.40 10.23
N ASN B 284 2.45 6.25 10.00
CA ASN B 284 2.00 6.32 8.63
C ASN B 284 1.60 7.76 8.27
N GLY B 285 1.14 7.95 7.04
CA GLY B 285 0.76 9.26 6.58
C GLY B 285 -0.19 10.07 7.44
N ASP B 286 -1.23 9.43 7.98
CA ASP B 286 -2.17 10.16 8.81
C ASP B 286 -1.69 10.33 10.24
N GLY B 287 -0.41 10.02 10.47
CA GLY B 287 0.17 10.19 11.79
C GLY B 287 -0.07 9.09 12.82
N SER B 288 -0.75 8.02 12.44
CA SER B 288 -1.00 6.94 13.39
C SER B 288 0.21 6.05 13.60
N LYS B 289 0.34 5.52 14.81
CA LYS B 289 1.44 4.63 15.15
C LYS B 289 1.26 3.29 14.45
N LYS B 290 2.31 2.82 13.79
CA LYS B 290 2.23 1.54 13.10
C LYS B 290 2.53 0.41 14.07
N ALA B 291 2.27 -0.83 13.65
CA ALA B 291 2.54 -1.99 14.48
C ALA B 291 4.01 -1.98 14.88
N ALA B 292 4.87 -1.54 13.96
CA ALA B 292 6.31 -1.48 14.21
C ALA B 292 6.63 -0.52 15.35
N TYR B 293 5.86 0.55 15.49
CA TYR B 293 6.11 1.50 16.57
C TYR B 293 6.00 0.78 17.91
N THR B 294 4.92 0.02 18.08
CA THR B 294 4.68 -0.71 19.31
C THR B 294 5.79 -1.72 19.57
N ALA B 295 6.27 -2.36 18.51
CA ALA B 295 7.34 -3.34 18.63
C ALA B 295 8.62 -2.68 19.13
N VAL B 296 8.94 -1.50 18.59
CA VAL B 296 10.13 -0.78 18.99
C VAL B 296 10.00 -0.29 20.43
N LEU B 297 8.85 0.30 20.76
CA LEU B 297 8.64 0.80 22.11
C LEU B 297 8.77 -0.34 23.12
N ASN B 298 8.16 -1.48 22.80
CA ASN B 298 8.22 -2.63 23.69
C ASN B 298 9.65 -3.09 23.90
N ALA B 299 10.43 -3.11 22.83
CA ALA B 299 11.83 -3.52 22.89
C ALA B 299 12.63 -2.58 23.79
N LEU B 300 12.46 -1.29 23.57
CA LEU B 300 13.17 -0.29 24.36
C LEU B 300 12.83 -0.44 25.83
N ASN B 301 11.56 -0.76 26.12
CA ASN B 301 11.10 -0.93 27.49
C ASN B 301 11.49 -2.26 28.14
N GLY B 302 12.25 -3.08 27.42
CA GLY B 302 12.69 -4.35 27.97
C GLY B 302 12.07 -5.59 27.38
N GLY B 303 11.01 -5.42 26.59
CA GLY B 303 10.34 -6.55 25.98
C GLY B 303 9.69 -7.48 27.00
N GLY B 313 -3.15 -18.89 17.87
CA GLY B 313 -3.62 -18.85 19.24
C GLY B 313 -4.95 -18.14 19.37
N GLN B 314 -5.60 -18.30 20.53
CA GLN B 314 -6.89 -17.67 20.77
C GLN B 314 -6.70 -16.33 21.47
N ILE B 315 -7.75 -15.51 21.48
CA ILE B 315 -7.70 -14.20 22.12
C ILE B 315 -8.79 -14.12 23.18
N LYS B 316 -8.42 -14.36 24.43
CA LYS B 316 -9.35 -14.33 25.55
C LYS B 316 -9.55 -12.92 26.08
N GLY B 317 -10.81 -12.55 26.31
CA GLY B 317 -11.12 -11.24 26.82
C GLY B 317 -11.28 -11.25 28.33
N VAL B 318 -10.36 -10.59 29.03
CA VAL B 318 -10.40 -10.53 30.48
C VAL B 318 -11.78 -10.11 30.97
N GLY B 319 -12.29 -10.80 31.98
CA GLY B 319 -13.59 -10.48 32.51
C GLY B 319 -14.67 -11.39 31.94
N SER B 320 -14.73 -11.46 30.61
CA SER B 320 -15.72 -12.31 29.95
C SER B 320 -15.23 -13.75 29.96
N GLY B 321 -13.92 -13.92 29.91
CA GLY B 321 -13.35 -15.26 29.91
C GLY B 321 -13.58 -15.98 28.59
N ARG B 322 -14.13 -15.27 27.62
CA ARG B 322 -14.40 -15.85 26.31
C ARG B 322 -13.32 -15.50 25.29
N CYS B 323 -13.41 -16.09 24.11
CA CYS B 323 -12.43 -15.86 23.06
C CYS B 323 -13.04 -15.21 21.82
N LEU B 324 -12.25 -14.41 21.12
CA LEU B 324 -12.71 -13.74 19.91
C LEU B 324 -13.14 -14.86 18.96
N ASP B 325 -14.41 -14.83 18.55
CA ASP B 325 -14.94 -15.87 17.69
C ASP B 325 -15.72 -15.39 16.48
N VAL B 326 -15.56 -16.09 15.36
CA VAL B 326 -16.28 -15.77 14.13
C VAL B 326 -17.53 -16.64 14.11
N PRO B 327 -18.72 -16.03 14.27
CA PRO B 327 -20.01 -16.70 14.29
C PRO B 327 -20.21 -17.84 13.28
N ASN B 328 -20.68 -18.97 13.78
CA ASN B 328 -20.93 -20.15 12.95
C ASN B 328 -19.72 -20.57 12.12
N ALA B 329 -18.54 -20.13 12.54
CA ALA B 329 -17.32 -20.47 11.83
C ALA B 329 -17.42 -20.04 10.37
N SER B 330 -18.18 -18.97 10.12
CA SER B 330 -18.36 -18.46 8.77
C SER B 330 -17.07 -17.88 8.22
N THR B 331 -16.94 -17.90 6.90
CA THR B 331 -15.76 -17.37 6.23
C THR B 331 -16.20 -16.26 5.28
N THR B 332 -17.44 -15.82 5.44
CA THR B 332 -18.01 -14.77 4.59
C THR B 332 -17.56 -13.37 4.97
N ASP B 333 -17.12 -12.61 3.98
CA ASP B 333 -16.66 -11.24 4.21
C ASP B 333 -17.81 -10.40 4.78
N GLY B 334 -17.50 -9.60 5.80
CA GLY B 334 -18.51 -8.76 6.40
C GLY B 334 -19.13 -9.35 7.65
N THR B 335 -18.70 -10.55 8.03
CA THR B 335 -19.22 -11.20 9.22
C THR B 335 -18.63 -10.56 10.47
N GLN B 336 -19.49 -10.00 11.32
CA GLN B 336 -19.03 -9.37 12.55
C GLN B 336 -18.64 -10.43 13.57
N VAL B 337 -17.51 -10.20 14.25
CA VAL B 337 -17.01 -11.14 15.25
C VAL B 337 -17.71 -10.95 16.59
N GLN B 338 -17.57 -11.93 17.47
CA GLN B 338 -18.19 -11.89 18.78
C GLN B 338 -17.40 -12.68 19.81
N LEU B 339 -17.96 -12.76 21.02
CA LEU B 339 -17.34 -13.51 22.11
C LEU B 339 -18.05 -14.86 22.19
N TYR B 340 -17.33 -15.89 22.56
CA TYR B 340 -17.91 -17.22 22.68
C TYR B 340 -17.02 -18.12 23.52
N ASP B 341 -17.60 -19.23 24.00
CA ASP B 341 -16.86 -20.18 24.81
C ASP B 341 -15.63 -20.66 24.04
N CYS B 342 -14.45 -20.42 24.60
CA CYS B 342 -13.21 -20.83 23.97
C CYS B 342 -13.19 -22.34 23.75
N HIS B 343 -12.70 -22.76 22.60
CA HIS B 343 -12.60 -24.19 22.28
C HIS B 343 -11.82 -24.39 20.99
N SER B 344 -11.20 -25.56 20.86
CA SER B 344 -10.42 -25.89 19.68
C SER B 344 -11.24 -25.72 18.40
N ALA B 345 -11.02 -24.61 17.71
CA ALA B 345 -11.73 -24.30 16.47
C ALA B 345 -10.96 -23.24 15.68
N THR B 346 -10.96 -23.38 14.36
CA THR B 346 -10.26 -22.43 13.50
C THR B 346 -10.86 -21.04 13.51
N ASN B 347 -12.16 -20.95 13.79
CA ASN B 347 -12.84 -19.66 13.82
C ASN B 347 -12.52 -18.90 15.10
N GLN B 348 -11.56 -19.42 15.86
CA GLN B 348 -11.12 -18.82 17.11
C GLN B 348 -9.59 -18.75 17.14
N GLN B 349 -8.98 -19.24 16.07
CA GLN B 349 -7.53 -19.24 15.94
C GLN B 349 -7.09 -17.98 15.22
N TRP B 350 -6.60 -16.99 15.98
CA TRP B 350 -6.16 -15.73 15.39
C TRP B 350 -4.64 -15.65 15.37
N THR B 351 -4.10 -15.13 14.28
CA THR B 351 -2.66 -14.98 14.12
C THR B 351 -2.26 -13.52 13.93
N TYR B 352 -1.49 -12.99 14.88
CA TYR B 352 -1.03 -11.62 14.78
C TYR B 352 0.18 -11.64 13.86
N THR B 353 0.03 -11.06 12.67
CA THR B 353 1.13 -11.07 11.71
C THR B 353 2.16 -9.99 11.94
N ASP B 354 3.26 -10.11 11.21
CA ASP B 354 4.37 -9.18 11.29
C ASP B 354 3.98 -7.80 10.74
N ALA B 355 2.91 -7.76 9.96
CA ALA B 355 2.44 -6.50 9.39
C ALA B 355 1.42 -5.82 10.31
N GLY B 356 1.03 -6.51 11.37
CA GLY B 356 0.08 -5.94 12.31
C GLY B 356 -1.35 -6.38 12.10
N GLU B 357 -1.55 -7.43 11.32
CA GLU B 357 -2.90 -7.93 11.07
C GLU B 357 -3.25 -9.01 12.08
N LEU B 358 -4.55 -9.22 12.25
CA LEU B 358 -5.06 -10.29 13.11
C LEU B 358 -5.81 -11.17 12.13
N ARG B 359 -5.14 -12.20 11.64
CA ARG B 359 -5.71 -13.11 10.67
C ARG B 359 -6.43 -14.34 11.22
N VAL B 360 -7.38 -14.82 10.43
CA VAL B 360 -8.16 -16.00 10.76
C VAL B 360 -8.39 -16.73 9.43
N TYR B 361 -8.39 -18.06 9.47
CA TYR B 361 -8.59 -18.88 8.28
C TYR B 361 -7.43 -18.77 7.29
N GLY B 362 -6.40 -18.01 7.66
CA GLY B 362 -5.25 -17.87 6.79
C GLY B 362 -5.22 -16.62 5.93
N ASP B 363 -6.33 -16.28 5.27
CA ASP B 363 -6.34 -15.10 4.42
C ASP B 363 -7.49 -14.14 4.68
N LYS B 364 -8.08 -14.22 5.88
CA LYS B 364 -9.14 -13.31 6.27
C LYS B 364 -8.55 -12.42 7.36
N CYS B 365 -8.93 -11.14 7.37
CA CYS B 365 -8.39 -10.19 8.34
C CYS B 365 -9.43 -9.50 9.21
N LEU B 366 -9.08 -9.29 10.49
CA LEU B 366 -9.97 -8.59 11.40
C LEU B 366 -10.06 -7.23 10.71
N ASP B 367 -11.28 -6.75 10.49
CA ASP B 367 -11.50 -5.54 9.73
C ASP B 367 -12.55 -4.58 10.31
N ALA B 368 -12.33 -3.29 10.10
CA ALA B 368 -13.26 -2.25 10.55
C ALA B 368 -13.60 -1.38 9.34
N ALA B 369 -14.90 -1.19 9.07
CA ALA B 369 -15.32 -0.39 7.93
C ALA B 369 -15.53 1.09 8.27
N GLY B 370 -15.16 1.47 9.48
CA GLY B 370 -15.32 2.85 9.90
C GLY B 370 -14.30 3.18 10.97
N THR B 371 -14.29 4.43 11.43
CA THR B 371 -13.34 4.85 12.46
C THR B 371 -14.01 5.42 13.71
N GLY B 372 -15.34 5.43 13.73
CA GLY B 372 -16.04 5.96 14.88
C GLY B 372 -16.52 4.90 15.87
N ASN B 373 -16.94 5.34 17.05
CA ASN B 373 -17.43 4.41 18.05
C ASN B 373 -18.64 3.68 17.48
N GLY B 374 -18.76 2.40 17.79
CA GLY B 374 -19.88 1.63 17.30
C GLY B 374 -19.55 0.85 16.04
N THR B 375 -18.45 1.22 15.39
CA THR B 375 -18.03 0.53 14.17
C THR B 375 -17.90 -0.96 14.48
N LYS B 376 -18.57 -1.79 13.69
CA LYS B 376 -18.51 -3.22 13.91
C LYS B 376 -17.19 -3.81 13.46
N VAL B 377 -16.65 -4.71 14.26
CA VAL B 377 -15.40 -5.39 13.94
C VAL B 377 -15.80 -6.68 13.24
N GLN B 378 -15.28 -6.87 12.04
CA GLN B 378 -15.62 -8.02 11.22
C GLN B 378 -14.41 -8.65 10.55
N ILE B 379 -14.67 -9.55 9.60
CA ILE B 379 -13.60 -10.17 8.85
C ILE B 379 -13.81 -9.78 7.39
N TYR B 380 -12.70 -9.64 6.66
CA TYR B 380 -12.72 -9.28 5.25
C TYR B 380 -11.40 -9.75 4.67
N SER B 381 -11.39 -9.96 3.36
CA SER B 381 -10.17 -10.41 2.68
C SER B 381 -9.01 -9.49 3.05
N CYS B 382 -7.86 -10.08 3.37
CA CYS B 382 -6.69 -9.30 3.73
C CYS B 382 -6.16 -8.56 2.50
N TRP B 383 -5.89 -7.26 2.65
CA TRP B 383 -5.34 -6.48 1.54
C TRP B 383 -4.36 -5.39 1.96
N GLY B 384 -4.10 -5.29 3.26
CA GLY B 384 -3.15 -4.30 3.74
C GLY B 384 -3.67 -2.95 4.18
N GLY B 385 -4.99 -2.79 4.21
CA GLY B 385 -5.55 -1.51 4.64
C GLY B 385 -5.23 -1.22 6.08
N ASP B 386 -5.12 0.06 6.44
CA ASP B 386 -4.81 0.44 7.81
C ASP B 386 -5.95 0.07 8.75
N ASN B 387 -7.13 -0.18 8.17
CA ASN B 387 -8.30 -0.56 8.94
C ASN B 387 -8.26 -2.06 9.23
N GLN B 388 -7.17 -2.70 8.83
CA GLN B 388 -6.96 -4.12 9.08
C GLN B 388 -5.69 -4.28 9.90
N LYS B 389 -5.18 -3.17 10.43
CA LYS B 389 -3.96 -3.19 11.23
C LYS B 389 -4.30 -2.93 12.70
N TRP B 390 -3.61 -3.64 13.58
CA TRP B 390 -3.86 -3.51 15.01
C TRP B 390 -2.58 -3.51 15.82
N ARG B 391 -2.60 -2.81 16.94
CA ARG B 391 -1.45 -2.74 17.84
C ARG B 391 -1.78 -3.44 19.14
N LEU B 392 -0.92 -4.36 19.56
CA LEU B 392 -1.13 -5.09 20.80
C LEU B 392 -0.37 -4.40 21.92
N ASN B 393 -1.08 -3.60 22.71
CA ASN B 393 -0.47 -2.87 23.80
C ASN B 393 -0.14 -3.79 24.99
N SER B 394 0.71 -3.31 25.88
CA SER B 394 1.11 -4.08 27.04
C SER B 394 0.00 -4.20 28.08
N ASP B 395 -0.89 -3.21 28.11
CA ASP B 395 -1.99 -3.21 29.07
C ASP B 395 -3.06 -4.23 28.67
N GLY B 396 -2.81 -4.96 27.59
CA GLY B 396 -3.75 -5.97 27.13
C GLY B 396 -4.79 -5.46 26.15
N SER B 397 -4.68 -4.21 25.74
CA SER B 397 -5.62 -3.62 24.80
C SER B 397 -5.17 -3.82 23.36
N ILE B 398 -6.13 -3.88 22.45
CA ILE B 398 -5.87 -4.03 21.02
C ILE B 398 -6.47 -2.83 20.32
N VAL B 399 -5.62 -1.95 19.79
CA VAL B 399 -6.08 -0.75 19.13
C VAL B 399 -5.95 -0.81 17.61
N GLY B 400 -6.95 -0.25 16.92
CA GLY B 400 -6.92 -0.23 15.48
C GLY B 400 -6.02 0.90 15.02
N VAL B 401 -5.07 0.60 14.15
CA VAL B 401 -4.14 1.61 13.67
C VAL B 401 -4.84 2.82 13.05
N GLN B 402 -5.76 2.56 12.13
CA GLN B 402 -6.47 3.65 11.47
C GLN B 402 -7.40 4.46 12.37
N SER B 403 -8.17 3.79 13.22
CA SER B 403 -9.13 4.46 14.08
C SER B 403 -8.58 4.96 15.41
N GLY B 404 -7.60 4.23 15.96
CA GLY B 404 -7.05 4.61 17.24
C GLY B 404 -8.01 4.18 18.34
N LEU B 405 -9.02 3.39 17.97
CA LEU B 405 -10.01 2.91 18.91
C LEU B 405 -9.70 1.46 19.30
N CYS B 406 -10.15 1.07 20.50
CA CYS B 406 -9.90 -0.27 21.01
C CYS B 406 -11.02 -1.27 20.71
N LEU B 407 -10.64 -2.55 20.61
CA LEU B 407 -11.62 -3.61 20.37
C LEU B 407 -12.45 -3.63 21.64
N ASP B 408 -13.75 -3.37 21.50
CA ASP B 408 -14.64 -3.31 22.65
C ASP B 408 -15.81 -4.29 22.56
N ALA B 409 -16.05 -5.00 23.66
CA ALA B 409 -17.16 -5.95 23.71
C ALA B 409 -18.40 -5.14 24.01
N VAL B 410 -19.28 -5.03 23.03
CA VAL B 410 -20.52 -4.27 23.16
C VAL B 410 -21.16 -4.35 24.54
N GLY B 411 -21.56 -3.20 25.07
CA GLY B 411 -22.20 -3.14 26.37
C GLY B 411 -21.43 -3.86 27.46
N GLY B 412 -20.14 -4.09 27.22
CA GLY B 412 -19.33 -4.78 28.21
C GLY B 412 -19.83 -6.19 28.45
N GLY B 413 -20.57 -6.72 27.48
CA GLY B 413 -21.11 -8.06 27.60
C GLY B 413 -20.02 -9.10 27.83
N THR B 414 -20.40 -10.23 28.42
CA THR B 414 -19.46 -11.30 28.70
C THR B 414 -20.00 -12.65 28.26
N ALA B 415 -21.28 -12.69 27.88
CA ALA B 415 -21.92 -13.91 27.45
C ALA B 415 -21.73 -14.17 25.96
N ASN B 416 -22.10 -15.38 25.53
CA ASN B 416 -21.99 -15.76 24.13
C ASN B 416 -22.90 -14.88 23.29
N GLY B 417 -22.42 -14.48 22.12
CA GLY B 417 -23.22 -13.64 21.25
C GLY B 417 -22.83 -12.18 21.36
N THR B 418 -22.08 -11.85 22.41
CA THR B 418 -21.61 -10.48 22.62
C THR B 418 -20.77 -10.07 21.42
N LEU B 419 -21.25 -9.08 20.68
CA LEU B 419 -20.55 -8.60 19.50
C LEU B 419 -19.33 -7.75 19.84
N ILE B 420 -18.41 -7.62 18.88
CA ILE B 420 -17.20 -6.83 19.05
C ILE B 420 -17.29 -5.58 18.19
N GLN B 421 -16.87 -4.45 18.76
CA GLN B 421 -16.92 -3.18 18.05
C GLN B 421 -15.72 -2.31 18.40
N LEU B 422 -15.65 -1.14 17.77
CA LEU B 422 -14.58 -0.19 18.03
C LEU B 422 -15.15 0.82 19.02
N TYR B 423 -14.34 1.23 19.99
CA TYR B 423 -14.79 2.20 20.98
C TYR B 423 -13.58 2.84 21.66
N SER B 424 -13.74 4.09 22.07
CA SER B 424 -12.66 4.81 22.74
C SER B 424 -12.06 3.92 23.82
N CYS B 425 -10.74 3.79 23.81
CA CYS B 425 -10.05 2.96 24.80
C CYS B 425 -10.32 3.47 26.21
N SER B 426 -10.58 2.55 27.13
CA SER B 426 -10.87 2.92 28.51
C SER B 426 -10.15 2.03 29.51
N ASN B 427 -9.30 1.15 29.00
CA ASN B 427 -8.55 0.23 29.85
C ASN B 427 -9.51 -0.64 30.65
N GLY B 428 -10.73 -0.78 30.15
CA GLY B 428 -11.73 -1.60 30.82
C GLY B 428 -11.49 -3.08 30.62
N SER B 429 -12.24 -3.90 31.35
CA SER B 429 -12.09 -5.35 31.25
C SER B 429 -12.59 -5.90 29.91
N ASN B 430 -13.59 -5.23 29.34
CA ASN B 430 -14.16 -5.68 28.07
C ASN B 430 -13.31 -5.22 26.89
N GLN B 431 -12.18 -4.59 27.18
CA GLN B 431 -11.25 -4.12 26.16
C GLN B 431 -9.87 -4.70 26.41
N ARG B 432 -9.78 -5.60 27.37
CA ARG B 432 -8.51 -6.23 27.73
C ARG B 432 -8.53 -7.66 27.22
N TRP B 433 -7.43 -8.09 26.61
CA TRP B 433 -7.35 -9.45 26.06
C TRP B 433 -6.02 -10.09 26.40
N THR B 434 -6.01 -11.41 26.47
CA THR B 434 -4.79 -12.17 26.78
C THR B 434 -4.52 -13.24 25.74
N ARG B 435 -3.24 -13.43 25.42
CA ARG B 435 -2.83 -14.43 24.44
C ARG B 435 -1.39 -14.86 24.69
N THR B 436 -1.18 -16.12 25.10
CA THR B 436 -2.22 -17.12 25.35
C THR B 436 -3.02 -17.43 24.09
S SO4 C . -38.54 30.29 -7.39
O1 SO4 C . -37.56 29.19 -7.36
O2 SO4 C . -39.30 30.23 -8.66
O3 SO4 C . -37.86 31.58 -7.29
O4 SO4 C . -39.48 30.14 -6.26
C1 GOL D . -32.19 9.17 1.29
O1 GOL D . -33.21 10.01 1.82
C2 GOL D . -30.81 9.65 1.71
O2 GOL D . -30.64 10.95 1.16
C3 GOL D . -29.70 8.77 1.16
O3 GOL D . -29.83 7.43 1.61
C1 GOL E . -21.00 3.44 -3.60
O1 GOL E . -21.41 4.78 -3.88
C2 GOL E . -21.18 3.10 -2.13
O2 GOL E . -20.33 3.98 -1.41
C3 GOL E . -20.76 1.68 -1.81
O3 GOL E . -19.40 1.46 -2.12
C1 GOL F . -1.28 -7.37 3.22
O1 GOL F . -1.65 -8.00 2.00
C2 GOL F . 0.24 -7.26 3.34
O2 GOL F . 0.74 -8.58 3.34
C3 GOL F . 0.67 -6.60 4.63
O3 GOL F . 0.16 -5.28 4.74
C1 GOL G . 17.55 -17.65 -18.20
O1 GOL G . 16.53 -18.33 -18.94
C2 GOL G . 18.54 -18.62 -17.61
O2 GOL G . 17.83 -19.46 -16.70
C3 GOL G . 19.64 -17.93 -16.82
O3 GOL G . 20.37 -17.04 -17.64
C1 GOL H . 17.50 -28.90 1.85
O1 GOL H . 18.47 -28.07 1.21
C2 GOL H . 16.10 -28.50 1.45
O2 GOL H . 15.91 -27.17 1.89
C3 GOL H . 15.03 -29.35 2.11
O3 GOL H . 15.18 -30.72 1.78
C1 GOL I . 42.97 13.63 -9.64
O1 GOL I . 43.66 14.86 -9.81
C2 GOL I . 41.83 13.51 -10.63
O2 GOL I . 42.39 13.61 -11.93
C3 GOL I . 40.81 14.61 -10.48
O3 GOL I . 40.23 14.61 -9.18
C1 GOL J . 21.65 11.19 1.04
O1 GOL J . 20.88 12.35 0.80
C2 GOL J . 20.78 10.03 1.50
O2 GOL J . 20.18 10.41 2.73
C3 GOL J . 21.58 8.77 1.77
O3 GOL J . 22.28 8.35 0.61
C1 GOL K . 10.23 13.77 1.23
O1 GOL K . 10.51 15.16 1.38
C2 GOL K . 8.76 13.54 0.95
O2 GOL K . 8.04 14.01 2.08
C3 GOL K . 8.42 12.07 0.79
O3 GOL K . 9.15 11.49 -0.30
C1 GOL L . 21.23 2.97 0.95
O1 GOL L . 21.79 4.05 0.23
C2 GOL L . 21.28 1.69 0.13
O2 GOL L . 20.49 1.90 -1.03
C3 GOL L . 20.69 0.49 0.85
O3 GOL L . 19.33 0.71 1.19
C1 GOL M . -19.71 -22.23 16.87
O1 GOL M . -18.85 -23.18 16.26
C2 GOL M . -19.05 -20.86 16.95
O2 GOL M . -17.90 -20.99 17.75
C3 GOL M . -19.94 -19.82 17.60
O3 GOL M . -21.15 -19.66 16.89
C1 GOL N . -18.94 0.73 25.13
O1 GOL N . -18.05 0.78 26.22
C2 GOL N . -20.02 -0.31 25.34
O2 GOL N . -19.37 -1.56 25.42
C3 GOL N . -20.99 -0.38 24.17
O3 GOL N . -21.66 0.86 23.97
#